data_4ZQT
#
_entry.id   4ZQT
#
_cell.length_a   75.350
_cell.length_b   109.110
_cell.length_c   118.050
_cell.angle_alpha   90.000
_cell.angle_beta   90.000
_cell.angle_gamma   90.000
#
_symmetry.space_group_name_H-M   'P 21 21 21'
#
loop_
_entity.id
_entity.type
_entity.pdbx_description
1 polymer 'M1 family aminopeptidase'
2 non-polymer '(2R)-2-{[(R)-[(R)-amino(phenyl)methyl](hydroxy)phosphoryl]methyl}-4-methylpentanoic acid'
3 non-polymer 'ZINC ION'
4 non-polymer GLYCEROL
5 non-polymer 'MAGNESIUM ION'
6 water water
#
_entity_poly.entity_id   1
_entity_poly.type   'polypeptide(L)'
_entity_poly.pdbx_seq_one_letter_code
;PKIHYRKDYKPSGFIINQVTLNINIHDQETIVRSVLDMDISKHNVGEDLVFDGVGLKINEISINNKKLVEGEEYTYDNEF
LTIFSKFVPKSKFAFSSEVIIHPETNYALTGLYKSKNIIVSQCEATGFRRITFFIDRPDMMAKYDVTVTADKEKYPVLLS
NGDKVNEFEIPGGRHGARFNDPPLKPCYLFAVVAGDLKHLSATYITKYTKKKVELYVFSEEKYVSKLQWALECLKKSMAF
DEDYFGLEYDLSRLNLVAVSDFNVGAMENKGLNIFNANSLLASKKNSIDFSYARILTVVGHEYFHQYTGNRVTLRDWFQL
TLKEGLTVHRENLFSEEMTKTVTTRLSHVDLLRSVQFLEDSSPLSHPIRPESYVSMENFYTTTVYDKGSEVMRMYLTILG
EEYYKKGFDIYIKKNDGNTATCEDFNYAMEQAYKMKKADNSANLNQYLLWFSQSGTPHVSFKYNYDAEKKQYSIHVNQYT
KPDENQKEKKPLFIPISVGLINPENGKEMISQTTLELTKESDTFVFNNIAVKPIPSLFRGFSAPVYIEDQLTDEERILLL
KYDSDAFVRYNSCTNIYMKQILMNYNEFLKAKNEKLESFQLTPVNAQFIDAIKYLLEDPHADAGFKSYIVSLPQDRYIIN
FVSNLDTDVLADTKEYIYKQIGDKLNDVYYKMFKSLEAKADDLTYFNDESHVDFDQMNMRTLRNTLLSLLSKAQYPNILN
EIIEHSKSPYPSNWLTSLSVSAYFDKYFELYDKTYKLSKDDELLLQEWLKTVSRSDRKDIYEILKKLENEVLKDSKNPND
IRAVYLPFTNNLRRFHDISGKGYKLIAEVITKTDKFNPMVATQLCEPFKLWNKLDTKRQELMLNEMNTMLQEPQISNNLK
EYLLRLTNK
;
_entity_poly.pdbx_strand_id   A
#
loop_
_chem_comp.id
_chem_comp.type
_chem_comp.name
_chem_comp.formula
4QP non-polymer '(2R)-2-{[(R)-[(R)-amino(phenyl)methyl](hydroxy)phosphoryl]methyl}-4-methylpentanoic acid' 'C14 H22 N O4 P'
GOL non-polymer GLYCEROL 'C3 H8 O3'
MG non-polymer 'MAGNESIUM ION' 'Mg 2'
ZN non-polymer 'ZINC ION' 'Zn 2'
#
# COMPACT_ATOMS: atom_id res chain seq x y z
N PRO A 1 -5.21 26.14 12.58
CA PRO A 1 -5.29 24.75 12.09
C PRO A 1 -6.66 24.44 11.50
N LYS A 2 -6.85 24.73 10.21
CA LYS A 2 -8.17 24.61 9.60
C LYS A 2 -8.59 23.17 9.39
N ILE A 3 -9.83 22.88 9.78
CA ILE A 3 -10.41 21.55 9.57
C ILE A 3 -11.39 21.61 8.39
N HIS A 4 -11.18 20.74 7.42
CA HIS A 4 -12.07 20.66 6.26
C HIS A 4 -13.12 19.58 6.49
N TYR A 5 -14.38 19.92 6.26
CA TYR A 5 -15.49 18.99 6.48
C TYR A 5 -16.15 18.54 5.19
N ARG A 6 -16.42 17.24 5.08
CA ARG A 6 -16.98 16.68 3.86
C ARG A 6 -18.33 17.28 3.52
N LYS A 7 -19.12 17.55 4.54
CA LYS A 7 -20.47 18.09 4.35
C LYS A 7 -20.44 19.52 3.83
N ASP A 8 -19.25 20.14 3.86
CA ASP A 8 -19.13 21.56 3.51
C ASP A 8 -18.80 21.80 2.04
N TYR A 9 -18.75 20.74 1.25
CA TYR A 9 -18.33 20.89 -0.14
C TYR A 9 -19.20 21.87 -0.89
N LYS A 10 -18.57 22.84 -1.53
CA LYS A 10 -19.28 23.75 -2.43
C LYS A 10 -18.38 24.05 -3.62
N PRO A 11 -18.97 24.14 -4.81
CA PRO A 11 -18.17 24.45 -6.01
C PRO A 11 -17.54 25.84 -5.91
N SER A 12 -16.42 26.05 -6.60
CA SER A 12 -15.70 27.32 -6.59
C SER A 12 -16.51 28.42 -7.25
N GLY A 13 -16.31 29.65 -6.79
CA GLY A 13 -16.91 30.81 -7.44
C GLY A 13 -16.13 31.21 -8.69
N PHE A 14 -15.10 30.46 -9.03
CA PHE A 14 -14.30 30.78 -10.21
C PHE A 14 -14.15 29.59 -11.12
N ILE A 15 -13.75 29.86 -12.37
CA ILE A 15 -13.45 28.82 -13.34
C ILE A 15 -12.07 29.02 -13.97
N ILE A 16 -11.32 27.95 -14.14
CA ILE A 16 -10.06 27.98 -14.84
C ILE A 16 -10.19 27.11 -16.08
N ASN A 17 -10.20 27.75 -17.25
CA ASN A 17 -10.41 27.04 -18.50
C ASN A 17 -9.11 26.60 -19.14
N GLN A 18 -8.08 27.41 -19.02
CA GLN A 18 -6.82 27.15 -19.72
C GLN A 18 -5.62 27.53 -18.87
N VAL A 19 -4.64 26.62 -18.83
CA VAL A 19 -3.39 26.87 -18.15
C VAL A 19 -2.29 26.92 -19.21
N THR A 20 -1.54 28.01 -19.23
CA THR A 20 -0.40 28.10 -20.13
C THR A 20 0.88 28.31 -19.35
N LEU A 21 1.71 27.27 -19.31
CA LEU A 21 2.89 27.27 -18.48
C LEU A 21 4.19 27.42 -19.26
N ASN A 22 5.11 28.20 -18.70
CA ASN A 22 6.49 28.25 -19.15
C ASN A 22 7.39 28.00 -17.96
N ILE A 23 8.00 26.82 -17.95
CA ILE A 23 8.86 26.39 -16.86
C ILE A 23 10.32 26.48 -17.32
N ASN A 24 11.05 27.45 -16.77
CA ASN A 24 12.42 27.69 -17.22
C ASN A 24 13.41 27.26 -16.16
N ILE A 25 14.05 26.12 -16.39
CA ILE A 25 14.98 25.53 -15.43
C ILE A 25 16.41 26.04 -15.58
N HIS A 26 16.94 26.63 -14.52
CA HIS A 26 18.30 27.14 -14.51
C HIS A 26 19.10 26.48 -13.39
N ASP A 27 20.37 26.83 -13.28
CA ASP A 27 21.25 26.18 -12.32
C ASP A 27 20.80 26.39 -10.87
N GLN A 28 20.50 27.64 -10.51
CA GLN A 28 20.23 27.95 -9.12
C GLN A 28 18.74 28.23 -8.84
N GLU A 29 17.93 28.23 -9.89
CA GLU A 29 16.51 28.56 -9.75
C GLU A 29 15.69 28.09 -10.93
N THR A 30 14.40 27.91 -10.69
CA THR A 30 13.50 27.65 -11.78
C THR A 30 12.44 28.75 -11.81
N ILE A 31 12.33 29.40 -12.96
CA ILE A 31 11.33 30.44 -13.17
C ILE A 31 10.08 29.84 -13.81
N VAL A 32 8.94 30.06 -13.17
CA VAL A 32 7.66 29.56 -13.70
C VAL A 32 6.75 30.72 -14.08
N ARG A 33 6.41 30.79 -15.36
CA ARG A 33 5.41 31.75 -15.82
C ARG A 33 4.10 31.04 -16.13
N SER A 34 2.99 31.63 -15.71
CA SER A 34 1.69 31.01 -15.87
C SER A 34 0.63 32.01 -16.23
N VAL A 35 -0.09 31.71 -17.31
CA VAL A 35 -1.27 32.48 -17.67
C VAL A 35 -2.49 31.59 -17.44
N LEU A 36 -3.40 32.04 -16.59
CA LEU A 36 -4.64 31.31 -16.34
C LEU A 36 -5.79 32.03 -17.06
N ASP A 37 -6.44 31.33 -17.99
CA ASP A 37 -7.64 31.87 -18.64
C ASP A 37 -8.84 31.51 -17.81
N MET A 38 -9.43 32.51 -17.17
CA MET A 38 -10.42 32.25 -16.12
C MET A 38 -11.77 32.88 -16.40
N ASP A 39 -12.74 32.49 -15.58
CA ASP A 39 -14.08 33.03 -15.66
C ASP A 39 -14.69 33.05 -14.27
N ILE A 40 -15.83 33.72 -14.15
CA ILE A 40 -16.64 33.73 -12.94
C ILE A 40 -17.72 32.65 -13.04
N SER A 41 -17.85 31.81 -12.02
CA SER A 41 -18.87 30.74 -12.04
C SER A 41 -20.21 31.25 -11.51
N LYS A 42 -21.24 30.42 -11.65
CA LYS A 42 -22.59 30.78 -11.20
C LYS A 42 -22.69 30.78 -9.68
N HIS A 43 -21.70 30.18 -9.03
CA HIS A 43 -21.72 30.09 -7.58
C HIS A 43 -21.02 31.28 -6.95
N ASN A 44 -20.47 32.16 -7.79
CA ASN A 44 -19.74 33.32 -7.30
C ASN A 44 -20.67 34.29 -6.57
N VAL A 45 -20.18 34.86 -5.47
CA VAL A 45 -20.96 35.82 -4.68
C VAL A 45 -20.11 37.05 -4.35
N GLY A 46 -19.24 37.42 -5.29
CA GLY A 46 -18.42 38.60 -5.13
C GLY A 46 -17.18 38.43 -4.28
N GLU A 47 -16.83 37.21 -3.93
CA GLU A 47 -15.70 36.95 -3.03
C GLU A 47 -14.37 37.41 -3.62
N ASP A 48 -13.37 37.57 -2.75
CA ASP A 48 -11.99 37.76 -3.18
C ASP A 48 -11.54 36.56 -4.01
N LEU A 49 -10.64 36.80 -4.96
CA LEU A 49 -10.00 35.73 -5.71
C LEU A 49 -8.79 35.23 -4.92
N VAL A 50 -8.90 34.01 -4.39
CA VAL A 50 -7.83 33.42 -3.58
C VAL A 50 -7.17 32.20 -4.25
N PHE A 51 -5.87 32.31 -4.50
CA PHE A 51 -5.12 31.18 -5.03
C PHE A 51 -4.29 30.49 -3.94
N ASP A 52 -4.19 29.18 -4.02
CA ASP A 52 -3.16 28.46 -3.31
C ASP A 52 -1.81 28.79 -3.93
N GLY A 53 -0.80 28.97 -3.09
CA GLY A 53 0.55 29.18 -3.57
C GLY A 53 1.48 29.06 -2.38
N VAL A 54 2.24 27.97 -2.34
CA VAL A 54 3.06 27.69 -1.16
C VAL A 54 4.54 27.81 -1.50
N GLY A 55 5.21 28.74 -0.83
CA GLY A 55 6.66 28.89 -0.95
C GLY A 55 7.09 29.52 -2.27
N LEU A 56 6.20 30.28 -2.88
CA LEU A 56 6.49 30.88 -4.17
C LEU A 56 7.13 32.23 -3.98
N LYS A 57 8.13 32.54 -4.80
CA LYS A 57 8.73 33.87 -4.77
C LYS A 57 8.15 34.64 -5.95
N ILE A 58 7.36 35.66 -5.65
CA ILE A 58 6.69 36.44 -6.68
C ILE A 58 7.60 37.44 -7.38
N ASN A 59 7.73 37.34 -8.70
CA ASN A 59 8.38 38.40 -9.46
C ASN A 59 7.36 39.43 -9.88
N GLU A 60 6.22 38.97 -10.39
CA GLU A 60 5.10 39.85 -10.70
C GLU A 60 3.79 39.09 -10.86
N ILE A 61 2.70 39.79 -10.56
CA ILE A 61 1.35 39.29 -10.80
C ILE A 61 0.59 40.28 -11.68
N SER A 62 -0.26 39.76 -12.57
CA SER A 62 -1.06 40.61 -13.45
C SER A 62 -2.47 40.06 -13.67
N ILE A 63 -3.38 40.96 -14.00
CA ILE A 63 -4.71 40.60 -14.49
C ILE A 63 -4.94 41.33 -15.81
N ASN A 64 -5.16 40.59 -16.89
CA ASN A 64 -5.34 41.17 -18.22
C ASN A 64 -4.14 42.03 -18.62
N ASN A 65 -2.94 41.51 -18.36
CA ASN A 65 -1.69 42.14 -18.72
C ASN A 65 -1.45 43.46 -17.99
N LYS A 66 -2.24 43.71 -16.95
CA LYS A 66 -1.98 44.87 -16.10
C LYS A 66 -1.40 44.40 -14.76
N LYS A 67 -0.19 44.87 -14.47
CA LYS A 67 0.53 44.46 -13.28
C LYS A 67 -0.22 44.85 -12.01
N LEU A 68 -0.25 43.95 -11.02
CA LEU A 68 -0.97 44.21 -9.78
C LEU A 68 -0.04 44.71 -8.68
N VAL A 69 -0.57 45.52 -7.79
CA VAL A 69 0.21 46.18 -6.76
C VAL A 69 0.12 45.43 -5.44
N GLU A 70 1.26 44.97 -4.94
CA GLU A 70 1.32 44.28 -3.66
C GLU A 70 0.84 45.18 -2.51
N GLY A 71 -0.11 44.69 -1.72
CA GLY A 71 -0.59 45.46 -0.59
C GLY A 71 -1.88 46.21 -0.84
N GLU A 72 -1.97 46.88 -1.99
CA GLU A 72 -3.19 47.61 -2.34
C GLU A 72 -4.21 46.73 -3.05
N GLU A 73 -3.73 45.83 -3.91
CA GLU A 73 -4.60 45.00 -4.74
C GLU A 73 -4.49 43.50 -4.41
N TYR A 74 -3.39 43.09 -3.81
CA TYR A 74 -3.25 41.70 -3.37
C TYR A 74 -2.36 41.58 -2.15
N THR A 75 -2.55 40.51 -1.40
CA THR A 75 -1.65 40.11 -0.34
C THR A 75 -1.22 38.67 -0.58
N TYR A 76 0.00 38.34 -0.18
CA TYR A 76 0.49 36.97 -0.23
C TYR A 76 1.23 36.65 1.05
N ASP A 77 0.86 35.55 1.71
CA ASP A 77 1.47 35.15 2.97
C ASP A 77 2.25 33.84 2.87
N ASN A 78 2.70 33.50 1.65
CA ASN A 78 3.46 32.27 1.40
C ASN A 78 2.59 31.01 1.39
N GLU A 79 1.27 31.18 1.55
CA GLU A 79 0.32 30.06 1.49
C GLU A 79 -0.87 30.34 0.58
N PHE A 80 -1.42 31.54 0.71
CA PHE A 80 -2.56 31.99 -0.08
C PHE A 80 -2.24 33.35 -0.71
N LEU A 81 -2.51 33.49 -2.00
CA LEU A 81 -2.47 34.78 -2.68
C LEU A 81 -3.90 35.31 -2.73
N THR A 82 -4.16 36.43 -2.08
CA THR A 82 -5.50 37.00 -2.08
C THR A 82 -5.56 38.21 -2.98
N ILE A 83 -6.46 38.19 -3.95
CA ILE A 83 -6.69 39.36 -4.80
C ILE A 83 -8.05 39.94 -4.44
N PHE A 84 -8.05 41.17 -3.94
CA PHE A 84 -9.26 41.77 -3.39
C PHE A 84 -10.31 41.90 -4.50
N SER A 85 -11.53 41.50 -4.20
CA SER A 85 -12.57 41.33 -5.22
C SER A 85 -12.74 42.56 -6.12
N LYS A 86 -12.62 43.74 -5.53
CA LYS A 86 -12.81 44.99 -6.26
C LYS A 86 -11.88 45.07 -7.48
N PHE A 87 -10.82 44.28 -7.47
CA PHE A 87 -9.87 44.27 -8.58
C PHE A 87 -10.02 43.02 -9.45
N VAL A 88 -11.03 42.22 -9.14
CA VAL A 88 -11.33 41.02 -9.93
C VAL A 88 -12.39 41.33 -10.98
N PRO A 89 -12.10 41.00 -12.26
CA PRO A 89 -13.06 41.23 -13.35
C PRO A 89 -14.33 40.40 -13.16
N LYS A 90 -15.43 40.79 -13.80
CA LYS A 90 -16.71 40.13 -13.61
C LYS A 90 -17.08 39.25 -14.80
N SER A 91 -16.19 39.20 -15.78
CA SER A 91 -16.32 38.25 -16.89
C SER A 91 -14.97 37.58 -17.14
N LYS A 92 -14.90 36.81 -18.23
CA LYS A 92 -13.67 36.12 -18.60
C LYS A 92 -12.47 37.04 -18.51
N PHE A 93 -11.43 36.59 -17.82
CA PHE A 93 -10.23 37.40 -17.68
C PHE A 93 -9.00 36.51 -17.71
N ALA A 94 -7.83 37.13 -17.86
CA ALA A 94 -6.57 36.39 -17.78
C ALA A 94 -5.81 36.80 -16.53
N PHE A 95 -5.44 35.81 -15.73
CA PHE A 95 -4.51 36.02 -14.63
C PHE A 95 -3.15 35.45 -15.00
N SER A 96 -2.11 36.23 -14.79
CA SER A 96 -0.76 35.75 -15.06
C SER A 96 0.17 36.01 -13.87
N SER A 97 1.25 35.24 -13.81
CA SER A 97 2.23 35.40 -12.74
C SER A 97 3.57 34.86 -13.19
N GLU A 98 4.64 35.36 -12.57
CA GLU A 98 5.95 34.77 -12.73
C GLU A 98 6.55 34.63 -11.35
N VAL A 99 6.89 33.40 -10.97
CA VAL A 99 7.43 33.11 -9.66
C VAL A 99 8.73 32.34 -9.80
N ILE A 100 9.49 32.30 -8.72
CA ILE A 100 10.74 31.57 -8.72
C ILE A 100 10.65 30.43 -7.70
N ILE A 101 11.13 29.26 -8.08
CA ILE A 101 11.14 28.13 -7.16
C ILE A 101 12.51 27.46 -7.27
N HIS A 102 12.79 26.53 -6.36
CA HIS A 102 14.13 25.97 -6.28
C HIS A 102 14.11 24.45 -6.08
N PRO A 103 13.90 23.70 -7.17
CA PRO A 103 13.87 22.23 -7.12
C PRO A 103 15.11 21.63 -6.44
N GLU A 104 16.26 22.28 -6.58
CA GLU A 104 17.53 21.78 -6.04
C GLU A 104 17.49 21.57 -4.54
N THR A 105 16.82 22.47 -3.83
CA THR A 105 16.77 22.41 -2.38
C THR A 105 15.42 21.94 -1.86
N ASN A 106 14.59 21.41 -2.75
CA ASN A 106 13.29 20.89 -2.36
C ASN A 106 13.40 19.42 -1.93
N TYR A 107 13.70 19.19 -0.65
CA TYR A 107 13.95 17.84 -0.13
C TYR A 107 12.69 17.15 0.38
N ALA A 108 11.56 17.86 0.35
CA ALA A 108 10.30 17.30 0.78
C ALA A 108 9.67 16.48 -0.35
N LEU A 109 10.20 16.63 -1.56
CA LEU A 109 9.81 15.82 -2.72
C LEU A 109 8.31 15.95 -3.09
N THR A 110 7.80 17.17 -2.93
CA THR A 110 6.47 17.51 -3.41
CA THR A 110 6.47 17.53 -3.38
C THR A 110 6.58 18.83 -4.16
N GLY A 111 5.78 19.00 -5.21
CA GLY A 111 5.97 20.16 -6.08
C GLY A 111 7.04 19.81 -7.11
N LEU A 112 7.89 20.76 -7.48
CA LEU A 112 8.96 20.49 -8.42
C LEU A 112 10.25 20.27 -7.67
N TYR A 113 10.90 19.13 -7.88
CA TYR A 113 12.13 18.86 -7.15
C TYR A 113 13.15 18.09 -7.96
N LYS A 114 14.37 18.06 -7.44
CA LYS A 114 15.49 17.45 -8.11
C LYS A 114 15.77 16.09 -7.43
N SER A 115 15.68 15.03 -8.19
CA SER A 115 16.10 13.72 -7.68
C SER A 115 17.37 13.29 -8.38
N LYS A 116 18.49 13.35 -7.67
CA LYS A 116 19.80 13.07 -8.26
C LYS A 116 20.00 14.06 -9.41
N ASN A 117 19.98 13.60 -10.66
CA ASN A 117 20.15 14.54 -11.77
C ASN A 117 18.89 14.69 -12.60
N ILE A 118 17.75 14.36 -12.01
CA ILE A 118 16.48 14.46 -12.70
C ILE A 118 15.59 15.50 -12.03
N ILE A 119 15.00 16.39 -12.84
CA ILE A 119 13.99 17.31 -12.36
C ILE A 119 12.64 16.65 -12.57
N VAL A 120 11.85 16.62 -11.51
CA VAL A 120 10.59 15.88 -11.56
C VAL A 120 9.57 16.55 -10.64
N SER A 121 8.29 16.44 -11.00
CA SER A 121 7.23 16.99 -10.17
C SER A 121 6.45 15.89 -9.45
N GLN A 122 5.81 16.26 -8.35
CA GLN A 122 4.84 15.40 -7.68
C GLN A 122 3.75 16.32 -7.16
N CYS A 123 2.56 16.25 -7.75
CA CYS A 123 1.51 17.21 -7.41
C CYS A 123 0.36 16.65 -6.54
N GLU A 124 0.15 15.34 -6.50
CA GLU A 124 -0.90 14.82 -5.61
C GLU A 124 -0.41 14.83 -4.16
N ALA A 125 -1.20 15.38 -3.24
CA ALA A 125 -2.51 15.93 -3.51
C ALA A 125 -2.48 17.45 -3.67
N THR A 126 -1.58 18.08 -2.93
CA THR A 126 -1.55 19.54 -2.87
C THR A 126 -0.18 20.09 -3.30
N GLY A 127 0.45 19.43 -4.26
CA GLY A 127 1.78 19.82 -4.70
C GLY A 127 1.83 20.83 -5.85
N PHE A 128 0.75 20.96 -6.63
CA PHE A 128 0.77 21.89 -7.76
C PHE A 128 0.96 23.35 -7.27
N ARG A 129 0.40 23.66 -6.10
CA ARG A 129 0.50 25.01 -5.54
C ARG A 129 1.94 25.39 -5.13
N ARG A 130 2.83 24.39 -5.10
CA ARG A 130 4.24 24.64 -4.81
C ARG A 130 5.00 24.98 -6.09
N ILE A 131 4.31 24.90 -7.22
CA ILE A 131 4.91 25.16 -8.51
C ILE A 131 4.45 26.51 -9.06
N THR A 132 3.17 26.79 -8.92
CA THR A 132 2.61 28.06 -9.35
C THR A 132 1.25 28.25 -8.68
N PHE A 133 0.70 29.47 -8.77
CA PHE A 133 -0.59 29.77 -8.15
C PHE A 133 -1.72 29.00 -8.83
N PHE A 134 -2.66 28.50 -8.03
CA PHE A 134 -3.81 27.79 -8.59
C PHE A 134 -4.93 27.65 -7.56
N ILE A 135 -6.12 27.36 -8.03
CA ILE A 135 -7.18 26.96 -7.10
C ILE A 135 -7.03 25.44 -7.04
N ASP A 136 -6.14 25.01 -6.14
CA ASP A 136 -5.57 23.68 -6.12
C ASP A 136 -6.48 22.65 -5.45
N ARG A 137 -7.49 22.22 -6.21
CA ARG A 137 -8.49 21.25 -5.76
C ARG A 137 -8.99 20.52 -7.01
N PRO A 138 -9.29 19.22 -6.87
CA PRO A 138 -9.49 18.34 -8.03
C PRO A 138 -10.72 18.66 -8.89
N ASP A 139 -11.64 19.48 -8.42
CA ASP A 139 -12.82 19.76 -9.24
C ASP A 139 -12.57 20.95 -10.19
N MET A 140 -11.39 21.58 -10.11
CA MET A 140 -11.02 22.66 -11.03
C MET A 140 -10.36 22.10 -12.30
N MET A 141 -11.19 21.72 -13.27
CA MET A 141 -10.73 21.07 -14.50
C MET A 141 -10.27 22.09 -15.53
N ALA A 142 -9.09 21.90 -16.12
CA ALA A 142 -8.57 22.87 -17.09
C ALA A 142 -7.77 22.18 -18.21
N LYS A 143 -7.61 22.90 -19.31
CA LYS A 143 -6.72 22.48 -20.39
C LYS A 143 -5.30 22.99 -20.10
N TYR A 144 -4.28 22.25 -20.54
CA TYR A 144 -2.90 22.60 -20.24
C TYR A 144 -2.03 22.70 -21.49
N ASP A 145 -1.29 23.81 -21.58
CA ASP A 145 -0.29 24.06 -22.61
C ASP A 145 1.03 24.39 -21.89
N VAL A 146 1.98 23.46 -21.94
CA VAL A 146 3.16 23.54 -21.11
C VAL A 146 4.45 23.60 -21.92
N THR A 147 5.27 24.61 -21.66
CA THR A 147 6.58 24.71 -22.28
C THR A 147 7.67 24.55 -21.21
N VAL A 148 8.62 23.67 -21.47
CA VAL A 148 9.74 23.44 -20.57
C VAL A 148 11.03 23.77 -21.30
N THR A 149 11.89 24.56 -20.66
CA THR A 149 13.21 24.83 -21.21
C THR A 149 14.29 24.53 -20.17
N ALA A 150 15.48 24.16 -20.65
CA ALA A 150 16.57 23.80 -19.77
C ALA A 150 17.89 23.70 -20.54
N ASP A 151 18.99 23.63 -19.79
CA ASP A 151 20.29 23.36 -20.38
C ASP A 151 20.24 22.02 -21.11
N LYS A 152 20.61 22.02 -22.40
CA LYS A 152 20.42 20.84 -23.23
C LYS A 152 21.31 19.68 -22.78
N GLU A 153 22.54 19.98 -22.37
CA GLU A 153 23.47 18.94 -21.95
C GLU A 153 22.99 18.20 -20.70
N LYS A 154 22.58 18.95 -19.68
CA LYS A 154 22.09 18.35 -18.44
C LYS A 154 20.73 17.67 -18.60
N TYR A 155 19.81 18.32 -19.32
CA TYR A 155 18.44 17.83 -19.42
C TYR A 155 17.99 17.66 -20.87
N PRO A 156 18.54 16.67 -21.58
CA PRO A 156 18.20 16.44 -22.98
C PRO A 156 16.78 15.94 -23.17
N VAL A 157 16.26 15.18 -22.20
CA VAL A 157 14.91 14.64 -22.32
C VAL A 157 13.93 15.48 -21.53
N LEU A 158 12.94 16.02 -22.20
CA LEU A 158 11.93 16.86 -21.55
C LEU A 158 10.57 16.21 -21.77
N LEU A 159 9.80 16.05 -20.69
CA LEU A 159 8.48 15.44 -20.78
C LEU A 159 7.43 16.20 -19.98
N SER A 160 6.23 16.28 -20.54
CA SER A 160 5.04 16.70 -19.79
C SER A 160 3.83 15.94 -20.34
N ASN A 161 2.63 16.24 -19.85
CA ASN A 161 1.43 15.56 -20.34
C ASN A 161 1.10 15.94 -21.77
N GLY A 162 0.37 15.08 -22.45
CA GLY A 162 -0.17 15.42 -23.76
C GLY A 162 0.83 15.25 -24.89
N ASP A 163 0.59 15.96 -25.99
CA ASP A 163 1.39 15.81 -27.20
C ASP A 163 2.53 16.82 -27.25
N LYS A 164 3.74 16.35 -27.53
CA LYS A 164 4.84 17.26 -27.76
C LYS A 164 4.65 17.90 -29.13
N VAL A 165 4.40 19.21 -29.16
CA VAL A 165 4.04 19.83 -30.43
C VAL A 165 5.16 20.68 -31.00
N ASN A 166 6.15 21.02 -30.18
CA ASN A 166 7.33 21.72 -30.69
C ASN A 166 8.58 21.46 -29.87
N GLU A 167 9.71 21.45 -30.55
CA GLU A 167 11.02 21.34 -29.93
C GLU A 167 11.89 22.41 -30.56
N PHE A 168 12.70 23.09 -29.76
CA PHE A 168 13.48 24.20 -30.31
C PHE A 168 14.75 24.47 -29.51
N GLU A 169 15.79 24.90 -30.24
CA GLU A 169 17.04 25.34 -29.63
C GLU A 169 16.88 26.72 -29.03
N ILE A 170 17.71 27.01 -28.03
CA ILE A 170 17.70 28.30 -27.33
C ILE A 170 19.14 28.76 -27.13
N PRO A 171 19.40 30.08 -27.28
CA PRO A 171 20.78 30.56 -27.11
C PRO A 171 21.33 30.24 -25.72
N GLY A 172 22.61 29.87 -25.66
CA GLY A 172 23.25 29.58 -24.39
C GLY A 172 23.27 28.10 -24.04
N GLY A 173 23.11 27.24 -25.04
CA GLY A 173 23.14 25.81 -24.81
C GLY A 173 21.85 25.27 -24.24
N ARG A 174 20.77 26.05 -24.35
CA ARG A 174 19.47 25.64 -23.84
C ARG A 174 18.58 25.11 -24.95
N HIS A 175 17.48 24.48 -24.57
CA HIS A 175 16.49 24.02 -25.54
C HIS A 175 15.14 23.90 -24.84
N GLY A 176 14.07 23.82 -25.63
CA GLY A 176 12.74 23.74 -25.07
C GLY A 176 11.86 22.75 -25.80
N ALA A 177 10.78 22.36 -25.13
CA ALA A 177 9.74 21.56 -25.74
C ALA A 177 8.39 22.03 -25.23
N ARG A 178 7.42 22.03 -26.14
CA ARG A 178 6.07 22.44 -25.81
C ARG A 178 5.15 21.25 -25.91
N PHE A 179 4.36 21.04 -24.86
CA PHE A 179 3.39 19.96 -24.84
C PHE A 179 1.99 20.55 -24.69
N ASN A 180 1.06 20.12 -25.54
CA ASN A 180 -0.32 20.57 -25.42
C ASN A 180 -1.21 19.40 -25.06
N ASP A 181 -1.98 19.55 -24.00
CA ASP A 181 -2.85 18.49 -23.50
C ASP A 181 -4.27 19.04 -23.44
N PRO A 182 -5.01 18.93 -24.57
CA PRO A 182 -6.34 19.54 -24.71
C PRO A 182 -7.42 19.02 -23.76
N PRO A 183 -7.46 17.70 -23.47
CA PRO A 183 -8.51 17.22 -22.57
C PRO A 183 -8.40 17.81 -21.16
N LEU A 184 -9.53 18.19 -20.56
CA LEU A 184 -9.56 18.68 -19.18
C LEU A 184 -8.95 17.70 -18.20
N LYS A 185 -8.26 18.23 -17.20
CA LYS A 185 -7.74 17.41 -16.11
C LYS A 185 -7.61 18.26 -14.87
N PRO A 186 -7.64 17.62 -13.69
CA PRO A 186 -7.33 18.32 -12.44
C PRO A 186 -5.82 18.58 -12.35
N CYS A 187 -5.41 19.59 -11.59
CA CYS A 187 -4.00 19.96 -11.58
C CYS A 187 -3.09 18.93 -10.91
N TYR A 188 -3.63 18.06 -10.05
CA TYR A 188 -2.75 17.09 -9.39
C TYR A 188 -2.25 16.03 -10.37
N LEU A 189 -2.82 16.01 -11.57
CA LEU A 189 -2.40 15.08 -12.62
C LEU A 189 -1.39 15.68 -13.59
N PHE A 190 -1.09 16.97 -13.44
CA PHE A 190 -0.01 17.62 -14.18
C PHE A 190 1.31 17.00 -13.77
N ALA A 191 2.23 16.89 -14.72
CA ALA A 191 3.58 16.47 -14.40
C ALA A 191 4.56 16.99 -15.43
N VAL A 192 5.80 17.19 -14.98
CA VAL A 192 6.89 17.48 -15.86
C VAL A 192 8.11 16.68 -15.42
N VAL A 193 8.94 16.32 -16.39
CA VAL A 193 10.22 15.67 -16.14
C VAL A 193 11.28 16.23 -17.08
N ALA A 194 12.47 16.46 -16.53
CA ALA A 194 13.63 16.83 -17.34
C ALA A 194 14.87 16.05 -16.86
N GLY A 195 15.66 15.52 -17.78
CA GLY A 195 16.81 14.74 -17.37
C GLY A 195 17.56 14.06 -18.50
N ASP A 196 18.67 13.44 -18.13
CA ASP A 196 19.45 12.65 -19.08
C ASP A 196 18.92 11.22 -19.05
N LEU A 197 17.71 11.03 -19.58
CA LEU A 197 17.02 9.75 -19.44
C LEU A 197 17.27 8.81 -20.61
N LYS A 198 17.47 7.52 -20.31
CA LYS A 198 17.54 6.51 -21.35
C LYS A 198 16.26 5.67 -21.28
N HIS A 199 15.88 5.04 -22.38
CA HIS A 199 14.59 4.33 -22.41
C HIS A 199 14.63 2.96 -23.11
N LEU A 200 13.61 2.17 -22.81
CA LEU A 200 13.16 1.09 -23.65
C LEU A 200 11.78 1.48 -24.14
N SER A 201 11.41 1.01 -25.32
CA SER A 201 10.10 1.34 -25.86
C SER A 201 9.53 0.16 -26.62
N ALA A 202 8.22 0.24 -26.85
CA ALA A 202 7.47 -0.79 -27.52
C ALA A 202 6.20 -0.16 -28.10
N THR A 203 5.59 -0.87 -29.03
CA THR A 203 4.33 -0.41 -29.60
C THR A 203 3.25 -1.40 -29.23
N TYR A 204 2.19 -0.90 -28.61
CA TYR A 204 1.04 -1.72 -28.23
C TYR A 204 -0.13 -1.40 -29.16
N ILE A 205 -0.80 -2.43 -29.67
CA ILE A 205 -1.98 -2.18 -30.51
C ILE A 205 -3.24 -2.59 -29.76
N THR A 206 -4.16 -1.64 -29.61
CA THR A 206 -5.33 -1.84 -28.75
C THR A 206 -6.25 -2.89 -29.36
N LYS A 207 -7.02 -3.54 -28.49
CA LYS A 207 -7.80 -4.71 -28.85
C LYS A 207 -8.93 -4.43 -29.82
N TYR A 208 -9.62 -3.32 -29.62
CA TYR A 208 -10.85 -3.08 -30.37
C TYR A 208 -10.71 -2.01 -31.45
N THR A 209 -10.15 -0.86 -31.09
CA THR A 209 -10.01 0.22 -32.05
C THR A 209 -8.71 0.10 -32.84
N LYS A 210 -7.84 -0.80 -32.42
CA LYS A 210 -6.59 -1.06 -33.15
C LYS A 210 -5.66 0.16 -33.19
N LYS A 211 -5.83 1.07 -32.24
CA LYS A 211 -4.94 2.23 -32.12
C LYS A 211 -3.55 1.79 -31.70
N LYS A 212 -2.52 2.35 -32.32
CA LYS A 212 -1.16 2.02 -31.90
C LYS A 212 -0.75 2.98 -30.78
N VAL A 213 -0.27 2.39 -29.70
CA VAL A 213 0.13 3.16 -28.52
C VAL A 213 1.63 2.97 -28.33
N GLU A 214 2.36 4.07 -28.28
CA GLU A 214 3.79 4.03 -28.00
C GLU A 214 4.03 3.94 -26.49
N LEU A 215 4.79 2.94 -26.07
CA LEU A 215 5.13 2.74 -24.66
C LEU A 215 6.60 3.05 -24.39
N TYR A 216 6.86 3.99 -23.49
CA TYR A 216 8.25 4.32 -23.12
C TYR A 216 8.50 4.14 -21.63
N VAL A 217 9.61 3.49 -21.28
CA VAL A 217 10.02 3.39 -19.89
C VAL A 217 11.41 4.01 -19.77
N PHE A 218 11.56 4.92 -18.80
CA PHE A 218 12.76 5.74 -18.65
C PHE A 218 13.46 5.55 -17.30
N SER A 219 14.79 5.56 -17.31
CA SER A 219 15.59 5.65 -16.09
C SER A 219 16.86 6.43 -16.38
N GLU A 220 17.68 6.66 -15.37
CA GLU A 220 19.03 7.17 -15.62
C GLU A 220 19.79 6.10 -16.40
N GLU A 221 20.86 6.51 -17.08
CA GLU A 221 21.56 5.63 -18.00
C GLU A 221 22.11 4.38 -17.33
N LYS A 222 22.61 4.55 -16.10
CA LYS A 222 23.23 3.46 -15.34
C LYS A 222 22.34 2.23 -15.16
N TYR A 223 21.03 2.45 -15.08
CA TYR A 223 20.12 1.32 -14.78
C TYR A 223 19.13 1.01 -15.91
N VAL A 224 19.45 1.43 -17.13
CA VAL A 224 18.51 1.25 -18.22
C VAL A 224 18.27 -0.25 -18.50
N SER A 225 19.23 -1.09 -18.15
CA SER A 225 19.05 -2.54 -18.30
C SER A 225 18.03 -3.14 -17.32
N LYS A 226 17.57 -2.35 -16.35
CA LYS A 226 16.64 -2.86 -15.34
C LYS A 226 15.19 -2.53 -15.69
N LEU A 227 14.96 -2.08 -16.93
CA LEU A 227 13.65 -1.56 -17.33
C LEU A 227 12.74 -2.59 -17.99
N GLN A 228 13.29 -3.76 -18.33
CA GLN A 228 12.55 -4.70 -19.19
C GLN A 228 11.26 -5.26 -18.56
N TRP A 229 11.30 -5.58 -17.27
CA TRP A 229 10.14 -6.19 -16.63
C TRP A 229 8.98 -5.19 -16.54
N ALA A 230 9.30 -3.95 -16.15
CA ALA A 230 8.31 -2.86 -16.15
C ALA A 230 7.55 -2.76 -17.48
N LEU A 231 8.29 -2.83 -18.59
CA LEU A 231 7.66 -2.75 -19.92
C LEU A 231 6.70 -3.92 -20.13
N GLU A 232 7.14 -5.12 -19.75
CA GLU A 232 6.28 -6.29 -19.86
C GLU A 232 5.02 -6.16 -19.00
N CYS A 233 5.18 -5.62 -17.80
CA CYS A 233 4.05 -5.45 -16.89
C CYS A 233 3.04 -4.46 -17.45
N LEU A 234 3.54 -3.39 -18.07
CA LEU A 234 2.68 -2.38 -18.66
C LEU A 234 1.83 -3.03 -19.77
N LYS A 235 2.49 -3.80 -20.63
CA LYS A 235 1.78 -4.55 -21.67
C LYS A 235 0.72 -5.46 -21.05
N LYS A 236 1.08 -6.18 -19.98
CA LYS A 236 0.14 -7.05 -19.30
C LYS A 236 -1.07 -6.28 -18.76
N SER A 237 -0.80 -5.07 -18.27
CA SER A 237 -1.84 -4.27 -17.62
C SER A 237 -2.86 -3.84 -18.66
N MET A 238 -2.36 -3.40 -19.81
CA MET A 238 -3.25 -2.90 -20.85
C MET A 238 -4.14 -4.05 -21.34
N ALA A 239 -3.54 -5.22 -21.55
CA ALA A 239 -4.28 -6.40 -21.97
C ALA A 239 -5.36 -6.75 -20.97
N PHE A 240 -5.02 -6.72 -19.68
CA PHE A 240 -6.00 -7.12 -18.67
C PHE A 240 -7.20 -6.21 -18.65
N ASP A 241 -6.96 -4.90 -18.69
CA ASP A 241 -8.06 -3.93 -18.67
C ASP A 241 -8.93 -4.12 -19.90
N GLU A 242 -8.29 -4.47 -21.00
CA GLU A 242 -9.02 -4.76 -22.23
C GLU A 242 -9.85 -6.03 -22.08
N ASP A 243 -9.24 -7.09 -21.56
CA ASP A 243 -9.89 -8.40 -21.52
C ASP A 243 -10.95 -8.50 -20.44
N TYR A 244 -10.63 -8.03 -19.23
CA TYR A 244 -11.56 -8.13 -18.12
C TYR A 244 -12.64 -7.07 -18.19
N PHE A 245 -12.23 -5.82 -18.42
CA PHE A 245 -13.12 -4.68 -18.32
C PHE A 245 -13.52 -4.08 -19.67
N GLY A 246 -12.82 -4.47 -20.74
CA GLY A 246 -13.13 -3.96 -22.08
C GLY A 246 -12.70 -2.52 -22.27
N LEU A 247 -11.67 -2.11 -21.54
CA LEU A 247 -11.22 -0.73 -21.54
C LEU A 247 -9.88 -0.62 -22.27
N GLU A 248 -9.83 0.22 -23.31
CA GLU A 248 -8.59 0.48 -24.04
C GLU A 248 -7.97 1.82 -23.65
N TYR A 249 -6.66 1.94 -23.83
CA TYR A 249 -5.95 3.19 -23.60
C TYR A 249 -6.32 4.19 -24.72
N ASP A 250 -6.50 5.44 -24.34
CA ASP A 250 -7.11 6.43 -25.22
C ASP A 250 -6.11 7.44 -25.78
N LEU A 251 -4.87 7.42 -25.28
CA LEU A 251 -3.84 8.35 -25.75
C LEU A 251 -2.84 7.65 -26.67
N SER A 252 -2.02 8.43 -27.37
CA SER A 252 -1.13 7.85 -28.37
C SER A 252 0.16 7.33 -27.74
N ARG A 253 0.43 7.77 -26.51
CA ARG A 253 1.69 7.45 -25.87
C ARG A 253 1.55 7.36 -24.36
N LEU A 254 2.29 6.44 -23.76
CA LEU A 254 2.34 6.33 -22.32
C LEU A 254 3.79 6.22 -21.86
N ASN A 255 4.19 7.14 -20.99
CA ASN A 255 5.53 7.18 -20.42
C ASN A 255 5.56 6.71 -18.96
N LEU A 256 6.51 5.82 -18.64
CA LEU A 256 6.85 5.50 -17.24
C LEU A 256 8.27 5.98 -16.93
N VAL A 257 8.44 6.69 -15.81
CA VAL A 257 9.75 7.27 -15.46
C VAL A 257 10.14 6.88 -14.03
N ALA A 258 11.34 6.32 -13.88
CA ALA A 258 11.85 5.98 -12.55
C ALA A 258 12.76 7.08 -11.99
N VAL A 259 12.50 7.48 -10.75
CA VAL A 259 13.41 8.38 -10.05
C VAL A 259 13.85 7.76 -8.72
N SER A 260 15.01 8.18 -8.24
CA SER A 260 15.60 7.60 -7.05
C SER A 260 14.95 8.10 -5.77
N ASP A 261 14.45 9.33 -5.77
CA ASP A 261 13.85 9.94 -4.59
C ASP A 261 12.35 10.12 -4.74
N PHE A 262 11.58 9.35 -3.99
CA PHE A 262 10.14 9.40 -4.13
C PHE A 262 9.48 9.04 -2.80
N ASN A 263 8.46 9.80 -2.41
CA ASN A 263 7.84 9.60 -1.11
C ASN A 263 7.11 8.27 -0.99
N VAL A 264 6.48 7.82 -2.07
CA VAL A 264 5.76 6.57 -2.00
C VAL A 264 6.20 5.67 -3.15
N GLY A 265 5.27 4.90 -3.71
CA GLY A 265 5.59 3.94 -4.75
C GLY A 265 5.55 4.49 -6.17
N ALA A 266 4.49 5.24 -6.49
CA ALA A 266 4.35 5.84 -7.82
C ALA A 266 3.17 6.81 -7.91
N MET A 267 2.98 7.40 -9.08
CA MET A 267 1.96 8.43 -9.28
C MET A 267 1.41 8.39 -10.70
N GLU A 268 0.09 8.47 -10.86
CA GLU A 268 -0.55 8.22 -12.16
C GLU A 268 -0.75 9.45 -13.09
N ASN A 269 0.19 10.40 -13.10
CA ASN A 269 0.05 11.59 -13.97
C ASN A 269 -0.30 11.18 -15.40
N LYS A 270 -1.26 11.85 -16.02
CA LYS A 270 -1.80 11.42 -17.31
C LYS A 270 -0.73 11.32 -18.40
N GLY A 271 -0.53 10.10 -18.90
CA GLY A 271 0.44 9.83 -19.96
C GLY A 271 1.88 9.87 -19.49
N LEU A 272 2.08 10.18 -18.21
CA LEU A 272 3.42 10.34 -17.67
C LEU A 272 3.50 9.83 -16.22
N ASN A 273 3.42 8.52 -16.05
CA ASN A 273 3.46 7.94 -14.71
C ASN A 273 4.89 7.98 -14.16
N ILE A 274 5.02 8.42 -12.91
CA ILE A 274 6.32 8.58 -12.30
C ILE A 274 6.45 7.61 -11.11
N PHE A 275 7.59 6.93 -11.03
CA PHE A 275 7.78 5.83 -10.07
C PHE A 275 9.00 6.00 -9.19
N ASN A 276 8.84 5.68 -7.90
CA ASN A 276 9.95 5.26 -7.07
C ASN A 276 10.74 4.21 -7.86
N ALA A 277 12.04 4.43 -8.03
CA ALA A 277 12.87 3.46 -8.75
C ALA A 277 12.69 2.04 -8.20
N ASN A 278 12.47 1.89 -6.89
CA ASN A 278 12.34 0.53 -6.32
C ASN A 278 11.02 -0.15 -6.73
N SER A 279 10.13 0.59 -7.37
CA SER A 279 8.90 -0.01 -7.86
C SER A 279 8.81 -0.01 -9.39
N LEU A 280 9.92 0.25 -10.06
CA LEU A 280 9.94 0.13 -11.52
C LEU A 280 11.12 -0.70 -12.03
N LEU A 281 12.26 -0.62 -11.36
CA LEU A 281 13.48 -1.22 -11.89
C LEU A 281 13.84 -2.55 -11.23
N ALA A 282 14.25 -3.52 -12.04
CA ALA A 282 14.69 -4.81 -11.52
C ALA A 282 15.54 -5.58 -12.54
N SER A 283 16.45 -6.41 -12.04
CA SER A 283 17.11 -7.42 -12.84
C SER A 283 17.36 -8.63 -11.95
N LYS A 284 17.53 -9.80 -12.56
CA LYS A 284 17.64 -11.04 -11.80
C LYS A 284 18.88 -11.01 -10.90
N LYS A 285 19.95 -10.39 -11.40
CA LYS A 285 21.20 -10.33 -10.67
C LYS A 285 21.19 -9.31 -9.52
N ASN A 286 20.34 -8.29 -9.65
CA ASN A 286 20.44 -7.16 -8.73
C ASN A 286 19.16 -6.84 -7.95
N SER A 287 18.20 -7.77 -7.95
CA SER A 287 16.95 -7.54 -7.23
C SER A 287 16.54 -8.79 -6.45
N ILE A 288 15.90 -8.59 -5.31
CA ILE A 288 15.30 -9.70 -4.62
C ILE A 288 14.01 -10.07 -5.35
N ASP A 289 13.50 -11.25 -5.08
CA ASP A 289 12.32 -11.77 -5.77
C ASP A 289 11.13 -10.82 -5.65
N PHE A 290 11.00 -10.21 -4.48
CA PHE A 290 9.86 -9.36 -4.16
C PHE A 290 9.68 -8.23 -5.16
N SER A 291 10.77 -7.73 -5.72
CA SER A 291 10.67 -6.66 -6.72
C SER A 291 9.77 -7.03 -7.89
N TYR A 292 9.68 -8.31 -8.22
CA TYR A 292 8.95 -8.68 -9.43
C TYR A 292 7.42 -8.54 -9.22
N ALA A 293 6.88 -9.02 -8.10
CA ALA A 293 5.47 -8.77 -7.80
C ALA A 293 5.22 -7.30 -7.48
N ARG A 294 6.21 -6.62 -6.91
CA ARG A 294 6.03 -5.20 -6.59
C ARG A 294 5.86 -4.34 -7.85
N ILE A 295 6.72 -4.55 -8.84
CA ILE A 295 6.66 -3.78 -10.08
C ILE A 295 5.37 -4.11 -10.84
N LEU A 296 5.03 -5.40 -10.90
CA LEU A 296 3.77 -5.83 -11.50
C LEU A 296 2.58 -5.08 -10.87
N THR A 297 2.52 -5.01 -9.54
CA THR A 297 1.38 -4.34 -8.91
C THR A 297 1.39 -2.82 -9.08
N VAL A 298 2.55 -2.18 -8.97
CA VAL A 298 2.60 -0.72 -9.03
C VAL A 298 2.40 -0.23 -10.46
N VAL A 299 3.05 -0.88 -11.42
CA VAL A 299 2.77 -0.56 -12.82
C VAL A 299 1.30 -0.78 -13.14
N GLY A 300 0.78 -1.94 -12.75
CA GLY A 300 -0.65 -2.21 -12.95
C GLY A 300 -1.50 -1.11 -12.32
N HIS A 301 -1.21 -0.82 -11.06
CA HIS A 301 -1.99 0.15 -10.31
C HIS A 301 -2.05 1.50 -11.05
N GLU A 302 -0.88 2.03 -11.41
CA GLU A 302 -0.87 3.32 -12.10
C GLU A 302 -1.60 3.26 -13.43
N TYR A 303 -1.49 2.14 -14.13
CA TYR A 303 -2.20 2.00 -15.41
C TYR A 303 -3.71 2.01 -15.20
N PHE A 304 -4.19 1.30 -14.19
CA PHE A 304 -5.63 1.19 -13.98
C PHE A 304 -6.25 2.51 -13.51
N HIS A 305 -5.44 3.35 -12.89
CA HIS A 305 -5.82 4.73 -12.57
C HIS A 305 -6.26 5.51 -13.80
N GLN A 306 -5.77 5.13 -14.99
CA GLN A 306 -6.09 5.94 -16.18
C GLN A 306 -7.60 6.06 -16.36
N TYR A 307 -8.33 4.99 -16.08
CA TYR A 307 -9.79 5.07 -16.01
C TYR A 307 -10.27 5.46 -14.61
N THR A 308 -9.88 4.68 -13.59
CA THR A 308 -10.38 4.91 -12.23
C THR A 308 -9.47 5.90 -11.50
N GLY A 309 -9.65 7.17 -11.84
CA GLY A 309 -8.86 8.25 -11.29
C GLY A 309 -8.68 9.38 -12.32
N ASN A 310 -8.28 8.99 -13.54
CA ASN A 310 -7.90 9.97 -14.58
C ASN A 310 -9.01 10.31 -15.56
N ARG A 311 -9.85 9.34 -15.92
CA ARG A 311 -10.96 9.62 -16.83
C ARG A 311 -12.26 9.85 -16.08
N VAL A 312 -12.52 9.03 -15.07
CA VAL A 312 -13.52 9.36 -14.05
C VAL A 312 -12.75 9.92 -12.86
N THR A 313 -12.96 11.20 -12.54
CA THR A 313 -12.17 11.85 -11.51
C THR A 313 -12.94 12.12 -10.21
N LEU A 314 -12.24 12.58 -9.18
CA LEU A 314 -12.85 12.90 -7.88
C LEU A 314 -13.42 14.30 -7.80
N ARG A 315 -14.59 14.44 -7.17
CA ARG A 315 -15.16 15.75 -6.93
C ARG A 315 -14.37 16.51 -5.89
N ASP A 316 -13.87 15.78 -4.90
CA ASP A 316 -13.15 16.36 -3.78
C ASP A 316 -12.34 15.24 -3.13
N TRP A 317 -11.40 15.60 -2.26
CA TRP A 317 -10.50 14.59 -1.69
C TRP A 317 -11.19 13.59 -0.77
N PHE A 318 -12.39 13.94 -0.29
CA PHE A 318 -13.11 13.02 0.59
C PHE A 318 -13.52 11.77 -0.16
N GLN A 319 -13.57 11.86 -1.50
CA GLN A 319 -13.89 10.69 -2.32
C GLN A 319 -12.67 9.83 -2.65
N LEU A 320 -11.55 10.07 -1.97
CA LEU A 320 -10.28 9.43 -2.33
C LEU A 320 -10.41 7.91 -2.53
N THR A 321 -11.19 7.24 -1.68
CA THR A 321 -11.27 5.78 -1.75
C THR A 321 -11.92 5.32 -3.06
N LEU A 322 -12.75 6.18 -3.64
CA LEU A 322 -13.39 5.84 -4.92
C LEU A 322 -12.35 5.64 -6.04
N LYS A 323 -11.23 6.36 -6.00
CA LYS A 323 -10.19 6.05 -6.98
C LYS A 323 -9.12 5.12 -6.39
N GLU A 324 -8.83 5.24 -5.10
CA GLU A 324 -7.75 4.43 -4.56
C GLU A 324 -8.21 3.01 -4.20
N GLY A 325 -9.32 2.88 -3.49
CA GLY A 325 -9.83 1.55 -3.16
C GLY A 325 -10.21 0.78 -4.42
N LEU A 326 -10.81 1.48 -5.39
CA LEU A 326 -11.23 0.84 -6.64
C LEU A 326 -10.01 0.45 -7.49
N THR A 327 -8.97 1.27 -7.50
CA THR A 327 -7.79 0.94 -8.29
C THR A 327 -6.97 -0.17 -7.64
N VAL A 328 -6.88 -0.20 -6.31
CA VAL A 328 -6.22 -1.32 -5.62
C VAL A 328 -6.98 -2.63 -5.94
N HIS A 329 -8.30 -2.58 -5.92
CA HIS A 329 -9.12 -3.75 -6.25
C HIS A 329 -8.83 -4.22 -7.68
N ARG A 330 -8.75 -3.28 -8.61
CA ARG A 330 -8.43 -3.60 -10.00
C ARG A 330 -7.01 -4.18 -10.12
N GLU A 331 -6.06 -3.60 -9.41
CA GLU A 331 -4.71 -4.16 -9.35
C GLU A 331 -4.69 -5.57 -8.75
N ASN A 332 -5.53 -5.82 -7.74
CA ASN A 332 -5.56 -7.13 -7.10
C ASN A 332 -6.07 -8.21 -8.04
N LEU A 333 -7.14 -7.90 -8.78
CA LEU A 333 -7.67 -8.83 -9.77
C LEU A 333 -6.63 -9.12 -10.82
N PHE A 334 -5.94 -8.07 -11.26
CA PHE A 334 -4.88 -8.19 -12.25
C PHE A 334 -3.77 -9.14 -11.79
N SER A 335 -3.24 -8.88 -10.60
CA SER A 335 -2.12 -9.65 -10.07
C SER A 335 -2.48 -11.10 -9.79
N GLU A 336 -3.69 -11.35 -9.29
CA GLU A 336 -4.13 -12.72 -9.07
C GLU A 336 -4.16 -13.47 -10.41
N GLU A 337 -4.68 -12.81 -11.43
CA GLU A 337 -4.71 -13.42 -12.76
C GLU A 337 -3.31 -13.62 -13.34
N MET A 338 -2.42 -12.67 -13.10
CA MET A 338 -1.06 -12.75 -13.68
C MET A 338 -0.18 -13.78 -12.95
N THR A 339 -0.28 -13.85 -11.63
CA THR A 339 0.59 -14.73 -10.86
C THR A 339 0.07 -16.15 -10.83
N LYS A 340 -1.25 -16.29 -10.89
CA LYS A 340 -1.88 -17.61 -10.81
C LYS A 340 -1.44 -18.40 -9.56
N THR A 341 -1.08 -17.69 -8.49
CA THR A 341 -0.74 -18.31 -7.22
C THR A 341 -1.74 -17.89 -6.15
N VAL A 342 -2.11 -18.80 -5.24
CA VAL A 342 -3.05 -18.43 -4.18
C VAL A 342 -2.41 -17.46 -3.16
N THR A 343 -1.08 -17.40 -3.11
CA THR A 343 -0.42 -16.56 -2.10
C THR A 343 -0.61 -15.06 -2.39
N THR A 344 -0.98 -14.73 -3.62
CA THR A 344 -1.24 -13.34 -3.96
C THR A 344 -2.42 -12.81 -3.16
N ARG A 345 -3.53 -13.54 -3.16
CA ARG A 345 -4.69 -13.09 -2.39
C ARG A 345 -4.38 -13.20 -0.89
N LEU A 346 -3.71 -14.28 -0.49
CA LEU A 346 -3.37 -14.44 0.92
C LEU A 346 -2.51 -13.29 1.41
N SER A 347 -1.59 -12.80 0.57
CA SER A 347 -0.69 -11.75 1.00
C SER A 347 -1.45 -10.44 1.23
N HIS A 348 -2.47 -10.16 0.43
CA HIS A 348 -3.31 -8.98 0.60
CA HIS A 348 -3.26 -8.94 0.64
C HIS A 348 -4.08 -9.03 1.92
N VAL A 349 -4.63 -10.20 2.22
CA VAL A 349 -5.37 -10.40 3.44
C VAL A 349 -4.43 -10.30 4.64
N ASP A 350 -3.23 -10.85 4.49
CA ASP A 350 -2.23 -10.83 5.57
C ASP A 350 -1.90 -9.39 5.93
N LEU A 351 -1.76 -8.56 4.91
CA LEU A 351 -1.57 -7.14 5.07
C LEU A 351 -2.77 -6.45 5.74
N LEU A 352 -3.96 -6.65 5.20
CA LEU A 352 -5.14 -6.01 5.79
C LEU A 352 -5.28 -6.32 7.29
N ARG A 353 -5.20 -7.60 7.63
CA ARG A 353 -5.53 -8.05 8.97
C ARG A 353 -4.44 -7.72 10.00
N SER A 354 -3.23 -7.46 9.54
CA SER A 354 -2.20 -7.00 10.46
C SER A 354 -2.23 -5.47 10.53
N VAL A 355 -1.75 -4.82 9.47
CA VAL A 355 -1.63 -3.36 9.43
C VAL A 355 -2.93 -2.56 9.46
N GLN A 356 -3.93 -2.92 8.65
CA GLN A 356 -5.14 -2.11 8.61
C GLN A 356 -6.03 -2.37 9.83
N PHE A 357 -6.08 -3.59 10.34
CA PHE A 357 -6.89 -3.86 11.53
C PHE A 357 -6.31 -3.10 12.73
N LEU A 358 -4.98 -3.08 12.81
CA LEU A 358 -4.30 -2.27 13.82
C LEU A 358 -4.74 -0.81 13.72
N GLU A 359 -4.67 -0.25 12.53
CA GLU A 359 -5.08 1.15 12.36
C GLU A 359 -6.54 1.36 12.79
N ASP A 360 -7.41 0.43 12.39
CA ASP A 360 -8.84 0.57 12.66
C ASP A 360 -9.22 0.39 14.14
N SER A 361 -8.31 -0.10 14.96
CA SER A 361 -8.60 -0.19 16.38
C SER A 361 -7.74 0.78 17.17
N SER A 362 -7.01 1.65 16.45
CA SER A 362 -6.16 2.66 17.07
C SER A 362 -6.91 3.98 17.17
N PRO A 363 -6.32 4.97 17.87
CA PRO A 363 -6.90 6.32 17.90
C PRO A 363 -6.95 7.00 16.51
N LEU A 364 -6.26 6.43 15.53
CA LEU A 364 -6.30 6.95 14.15
C LEU A 364 -7.46 6.39 13.33
N SER A 365 -8.23 5.48 13.91
CA SER A 365 -9.34 4.84 13.20
C SER A 365 -10.26 5.82 12.46
N HIS A 366 -10.58 5.51 11.20
CA HIS A 366 -11.47 6.34 10.42
C HIS A 366 -12.18 5.46 9.39
N PRO A 367 -13.31 5.94 8.85
CA PRO A 367 -13.95 5.20 7.76
C PRO A 367 -13.20 5.46 6.46
N ILE A 368 -13.46 4.64 5.43
CA ILE A 368 -12.75 4.77 4.18
C ILE A 368 -13.11 6.10 3.49
N ARG A 369 -14.24 6.69 3.88
CA ARG A 369 -14.55 8.08 3.54
C ARG A 369 -14.70 8.93 4.81
N PRO A 370 -13.59 9.56 5.25
CA PRO A 370 -13.62 10.37 6.47
C PRO A 370 -14.59 11.56 6.36
N GLU A 371 -15.05 12.05 7.51
CA GLU A 371 -15.93 13.22 7.51
C GLU A 371 -15.13 14.52 7.57
N SER A 372 -13.84 14.43 7.84
CA SER A 372 -12.99 15.61 7.97
C SER A 372 -11.52 15.30 7.90
N TYR A 373 -10.72 16.32 7.60
CA TYR A 373 -9.27 16.21 7.70
C TYR A 373 -8.63 17.55 7.97
N VAL A 374 -7.41 17.51 8.48
CA VAL A 374 -6.60 18.71 8.63
C VAL A 374 -5.49 18.67 7.59
N SER A 375 -4.87 17.50 7.46
CA SER A 375 -3.74 17.34 6.56
C SER A 375 -4.05 16.30 5.49
N MET A 376 -4.14 16.75 4.24
CA MET A 376 -4.43 15.84 3.13
C MET A 376 -3.34 14.79 3.00
N GLU A 377 -2.10 15.17 3.30
CA GLU A 377 -0.98 14.26 3.17
C GLU A 377 -1.07 13.08 4.15
N ASN A 378 -1.94 13.18 5.16
CA ASN A 378 -2.12 12.07 6.10
C ASN A 378 -3.37 11.26 5.81
N PHE A 379 -4.05 11.61 4.73
CA PHE A 379 -5.31 11.01 4.28
C PHE A 379 -5.12 9.68 3.54
N TYR A 380 -3.90 9.44 3.09
CA TYR A 380 -3.59 8.30 2.23
C TYR A 380 -3.17 7.11 3.09
N THR A 381 -4.15 6.30 3.47
CA THR A 381 -3.97 5.32 4.53
C THR A 381 -4.29 3.92 4.08
N THR A 382 -3.78 2.93 4.81
CA THR A 382 -4.14 1.56 4.52
C THR A 382 -5.67 1.37 4.64
N THR A 383 -6.32 2.19 5.47
CA THR A 383 -7.79 2.09 5.57
C THR A 383 -8.42 2.50 4.23
N VAL A 384 -8.07 3.69 3.73
CA VAL A 384 -8.66 4.21 2.51
C VAL A 384 -8.30 3.33 1.31
N TYR A 385 -7.07 2.83 1.31
CA TYR A 385 -6.57 2.01 0.22
C TYR A 385 -7.03 0.56 0.30
N ASP A 386 -6.70 -0.09 1.41
CA ASP A 386 -6.84 -1.55 1.47
C ASP A 386 -8.18 -2.00 1.99
N LYS A 387 -8.73 -1.34 3.01
CA LYS A 387 -10.10 -1.65 3.36
C LYS A 387 -10.97 -1.13 2.21
N GLY A 388 -10.60 0.01 1.63
CA GLY A 388 -11.29 0.50 0.44
C GLY A 388 -11.38 -0.56 -0.66
N SER A 389 -10.26 -1.23 -0.93
CA SER A 389 -10.24 -2.27 -1.97
C SER A 389 -11.13 -3.45 -1.61
N GLU A 390 -11.16 -3.81 -0.32
CA GLU A 390 -12.04 -4.89 0.13
C GLU A 390 -13.52 -4.52 0.00
N VAL A 391 -13.85 -3.27 0.24
CA VAL A 391 -15.23 -2.82 0.07
C VAL A 391 -15.55 -2.82 -1.43
N MET A 392 -14.57 -2.42 -2.25
CA MET A 392 -14.79 -2.47 -3.68
C MET A 392 -14.91 -3.93 -4.16
N ARG A 393 -14.14 -4.82 -3.56
CA ARG A 393 -14.18 -6.23 -3.95
C ARG A 393 -15.49 -6.94 -3.54
N MET A 394 -16.09 -6.51 -2.44
CA MET A 394 -17.36 -7.11 -2.01
C MET A 394 -18.48 -6.90 -3.04
N TYR A 395 -18.47 -5.80 -3.79
CA TYR A 395 -19.44 -5.66 -4.89
C TYR A 395 -19.36 -6.84 -5.87
N LEU A 396 -18.13 -7.25 -6.20
CA LEU A 396 -17.91 -8.38 -7.11
C LEU A 396 -18.38 -9.71 -6.46
N THR A 397 -18.06 -9.91 -5.20
CA THR A 397 -18.56 -11.09 -4.47
C THR A 397 -20.09 -11.17 -4.44
N ILE A 398 -20.72 -10.04 -4.15
CA ILE A 398 -22.17 -9.97 -4.11
C ILE A 398 -22.81 -10.16 -5.47
N LEU A 399 -22.23 -9.56 -6.51
CA LEU A 399 -22.88 -9.53 -7.81
C LEU A 399 -22.50 -10.72 -8.69
N GLY A 400 -21.33 -11.29 -8.45
CA GLY A 400 -20.77 -12.26 -9.38
C GLY A 400 -20.14 -11.51 -10.55
N GLU A 401 -19.26 -12.19 -11.28
CA GLU A 401 -18.44 -11.54 -12.31
C GLU A 401 -19.27 -10.82 -13.38
N GLU A 402 -20.30 -11.48 -13.87
CA GLU A 402 -21.07 -10.95 -15.00
C GLU A 402 -21.80 -9.66 -14.67
N TYR A 403 -22.55 -9.64 -13.56
CA TYR A 403 -23.27 -8.43 -13.17
C TYR A 403 -22.33 -7.37 -12.61
N TYR A 404 -21.19 -7.80 -12.08
CA TYR A 404 -20.21 -6.81 -11.62
C TYR A 404 -19.66 -6.01 -12.81
N LYS A 405 -19.26 -6.72 -13.86
CA LYS A 405 -18.76 -6.07 -15.06
C LYS A 405 -19.84 -5.16 -15.67
N LYS A 406 -21.10 -5.54 -15.50
CA LYS A 406 -22.20 -4.72 -15.98
C LYS A 406 -22.34 -3.44 -15.16
N GLY A 407 -22.33 -3.59 -13.84
CA GLY A 407 -22.32 -2.44 -12.95
C GLY A 407 -21.12 -1.52 -13.19
N PHE A 408 -19.93 -2.10 -13.35
CA PHE A 408 -18.71 -1.31 -13.53
C PHE A 408 -18.79 -0.51 -14.84
N ASP A 409 -19.34 -1.14 -15.86
CA ASP A 409 -19.50 -0.49 -17.17
C ASP A 409 -20.50 0.66 -17.07
N ILE A 410 -21.58 0.47 -16.33
CA ILE A 410 -22.53 1.54 -16.07
C ILE A 410 -21.83 2.73 -15.42
N TYR A 411 -20.91 2.44 -14.49
CA TYR A 411 -20.19 3.49 -13.80
C TYR A 411 -19.27 4.28 -14.73
N ILE A 412 -18.50 3.58 -15.55
CA ILE A 412 -17.59 4.25 -16.48
C ILE A 412 -18.37 5.00 -17.56
N LYS A 413 -19.39 4.36 -18.11
CA LYS A 413 -20.17 4.96 -19.18
C LYS A 413 -20.88 6.22 -18.70
N LYS A 414 -21.35 6.20 -17.46
CA LYS A 414 -22.13 7.31 -16.94
C LYS A 414 -21.27 8.45 -16.38
N ASN A 415 -20.01 8.17 -16.06
CA ASN A 415 -19.17 9.17 -15.40
C ASN A 415 -17.85 9.48 -16.08
N ASP A 416 -17.57 8.78 -17.18
CA ASP A 416 -16.34 9.05 -17.93
C ASP A 416 -16.33 10.52 -18.34
N GLY A 417 -15.21 11.20 -18.07
CA GLY A 417 -15.10 12.61 -18.40
C GLY A 417 -15.72 13.56 -17.39
N ASN A 418 -16.26 13.02 -16.30
CA ASN A 418 -16.84 13.83 -15.23
C ASN A 418 -16.20 13.56 -13.87
N THR A 419 -16.50 14.42 -12.89
CA THR A 419 -16.15 14.17 -11.50
C THR A 419 -17.17 13.18 -10.94
N ALA A 420 -16.82 12.50 -9.85
CA ALA A 420 -17.76 11.56 -9.24
C ALA A 420 -17.53 11.38 -7.74
N THR A 421 -18.51 10.79 -7.08
CA THR A 421 -18.46 10.52 -5.65
C THR A 421 -18.72 9.04 -5.39
N CYS A 422 -18.46 8.60 -4.16
CA CYS A 422 -18.69 7.21 -3.78
C CYS A 422 -20.12 6.78 -4.05
N GLU A 423 -21.07 7.70 -3.88
CA GLU A 423 -22.47 7.42 -4.16
C GLU A 423 -22.71 7.04 -5.61
N ASP A 424 -22.03 7.71 -6.55
CA ASP A 424 -22.19 7.39 -7.96
C ASP A 424 -21.79 5.94 -8.21
N PHE A 425 -20.75 5.47 -7.53
CA PHE A 425 -20.35 4.09 -7.72
C PHE A 425 -21.38 3.13 -7.13
N ASN A 426 -21.87 3.42 -5.93
CA ASN A 426 -22.87 2.56 -5.31
C ASN A 426 -24.12 2.49 -6.15
N TYR A 427 -24.52 3.65 -6.71
CA TYR A 427 -25.67 3.72 -7.61
C TYR A 427 -25.50 2.76 -8.80
N ALA A 428 -24.34 2.81 -9.44
CA ALA A 428 -24.06 1.95 -10.58
C ALA A 428 -24.11 0.46 -10.22
N MET A 429 -23.56 0.10 -9.07
CA MET A 429 -23.60 -1.29 -8.59
C MET A 429 -25.03 -1.69 -8.27
N GLU A 430 -25.78 -0.72 -7.75
CA GLU A 430 -27.17 -0.97 -7.37
C GLU A 430 -28.01 -1.34 -8.58
N GLN A 431 -27.74 -0.70 -9.73
CA GLN A 431 -28.43 -1.04 -10.97
C GLN A 431 -28.16 -2.49 -11.33
N ALA A 432 -26.91 -2.91 -11.16
CA ALA A 432 -26.52 -4.31 -11.38
C ALA A 432 -27.26 -5.21 -10.41
N TYR A 433 -27.34 -4.77 -9.16
CA TYR A 433 -27.97 -5.54 -8.10
C TYR A 433 -29.43 -5.77 -8.45
N LYS A 434 -30.09 -4.70 -8.90
CA LYS A 434 -31.48 -4.76 -9.35
C LYS A 434 -31.67 -5.80 -10.44
N MET A 435 -30.85 -5.70 -11.47
CA MET A 435 -30.88 -6.64 -12.59
C MET A 435 -30.69 -8.08 -12.10
N LYS A 436 -29.68 -8.27 -11.27
CA LYS A 436 -29.36 -9.61 -10.76
C LYS A 436 -30.50 -10.22 -9.93
N LYS A 437 -31.12 -9.41 -9.07
CA LYS A 437 -32.22 -9.88 -8.23
C LYS A 437 -33.55 -9.92 -8.96
N ALA A 438 -33.56 -9.47 -10.22
CA ALA A 438 -34.79 -9.35 -10.99
C ALA A 438 -35.86 -8.66 -10.14
N ASP A 439 -35.52 -7.49 -9.62
CA ASP A 439 -36.36 -6.80 -8.65
C ASP A 439 -36.01 -5.32 -8.64
N ASN A 440 -36.87 -4.50 -9.23
CA ASN A 440 -36.62 -3.07 -9.29
C ASN A 440 -36.58 -2.42 -7.90
N SER A 441 -37.05 -3.15 -6.89
CA SER A 441 -37.15 -2.61 -5.55
C SER A 441 -35.93 -2.92 -4.70
N ALA A 442 -35.03 -3.74 -5.22
CA ALA A 442 -33.79 -4.04 -4.50
C ALA A 442 -32.93 -2.78 -4.47
N ASN A 443 -32.25 -2.56 -3.35
CA ASN A 443 -31.32 -1.46 -3.25
C ASN A 443 -30.08 -1.84 -2.45
N LEU A 444 -29.06 -0.99 -2.55
CA LEU A 444 -27.82 -1.15 -1.79
C LEU A 444 -27.60 0.04 -0.88
N ASN A 445 -28.70 0.60 -0.37
CA ASN A 445 -28.58 1.75 0.53
C ASN A 445 -27.82 1.41 1.81
N GLN A 446 -28.08 0.23 2.37
CA GLN A 446 -27.36 -0.20 3.57
C GLN A 446 -25.88 -0.35 3.27
N TYR A 447 -25.55 -0.72 2.03
CA TYR A 447 -24.14 -0.90 1.66
C TYR A 447 -23.31 0.34 1.91
N LEU A 448 -23.94 1.51 1.87
CA LEU A 448 -23.21 2.76 1.99
C LEU A 448 -22.53 2.89 3.36
N LEU A 449 -23.02 2.15 4.35
CA LEU A 449 -22.41 2.21 5.68
C LEU A 449 -20.94 1.77 5.65
N TRP A 450 -20.58 0.98 4.65
CA TRP A 450 -19.19 0.57 4.49
C TRP A 450 -18.28 1.79 4.24
N PHE A 451 -18.86 2.87 3.71
CA PHE A 451 -18.07 4.07 3.46
C PHE A 451 -17.98 4.97 4.70
N SER A 452 -19.03 4.98 5.52
CA SER A 452 -19.13 5.94 6.62
C SER A 452 -18.79 5.38 8.01
N GLN A 453 -18.85 4.07 8.18
CA GLN A 453 -18.62 3.48 9.49
C GLN A 453 -17.18 3.01 9.67
N SER A 454 -16.50 3.53 10.68
CA SER A 454 -15.14 3.09 11.00
C SER A 454 -15.19 1.82 11.85
N GLY A 455 -14.03 1.18 12.03
CA GLY A 455 -13.95 -0.01 12.87
C GLY A 455 -14.13 -1.31 12.13
N THR A 456 -13.54 -2.38 12.64
CA THR A 456 -13.63 -3.70 12.04
C THR A 456 -14.81 -4.50 12.62
N PRO A 457 -15.78 -4.90 11.77
CA PRO A 457 -16.85 -5.72 12.34
C PRO A 457 -16.33 -7.07 12.83
N HIS A 458 -16.92 -7.59 13.91
CA HIS A 458 -16.71 -8.96 14.38
C HIS A 458 -17.86 -9.87 13.94
N VAL A 459 -17.55 -10.97 13.27
CA VAL A 459 -18.62 -11.88 12.88
C VAL A 459 -18.42 -13.24 13.57
N SER A 460 -19.40 -13.65 14.35
CA SER A 460 -19.29 -14.91 15.09
C SER A 460 -20.41 -15.89 14.74
N PHE A 461 -20.17 -17.16 15.05
CA PHE A 461 -21.01 -18.24 14.56
C PHE A 461 -21.37 -19.24 15.64
N LYS A 462 -22.56 -19.81 15.50
CA LYS A 462 -22.93 -21.03 16.23
C LYS A 462 -23.64 -21.95 15.23
N TYR A 463 -23.61 -23.25 15.49
CA TYR A 463 -24.11 -24.22 14.53
C TYR A 463 -25.09 -25.18 15.18
N ASN A 464 -25.97 -25.75 14.36
CA ASN A 464 -26.82 -26.83 14.82
C ASN A 464 -27.03 -27.85 13.70
N TYR A 465 -26.91 -29.13 14.02
CA TYR A 465 -27.18 -30.15 13.03
C TYR A 465 -28.19 -31.16 13.57
N ASP A 466 -29.30 -31.30 12.87
CA ASP A 466 -30.24 -32.34 13.22
C ASP A 466 -30.07 -33.53 12.29
N ALA A 467 -29.52 -34.61 12.82
CA ALA A 467 -29.18 -35.77 12.02
C ALA A 467 -30.42 -36.38 11.38
N GLU A 468 -31.49 -36.50 12.17
CA GLU A 468 -32.72 -37.12 11.66
C GLU A 468 -33.38 -36.26 10.57
N LYS A 469 -33.28 -34.94 10.67
CA LYS A 469 -33.91 -34.08 9.68
C LYS A 469 -32.99 -33.77 8.48
N LYS A 470 -31.71 -34.11 8.60
CA LYS A 470 -30.72 -33.73 7.58
C LYS A 470 -30.68 -32.20 7.42
N GLN A 471 -30.77 -31.50 8.55
CA GLN A 471 -30.93 -30.06 8.53
C GLN A 471 -29.81 -29.36 9.30
N TYR A 472 -29.12 -28.46 8.61
CA TYR A 472 -27.96 -27.77 9.18
C TYR A 472 -28.25 -26.29 9.30
N SER A 473 -27.93 -25.71 10.46
CA SER A 473 -28.14 -24.29 10.71
C SER A 473 -26.85 -23.57 11.06
N ILE A 474 -26.61 -22.45 10.39
CA ILE A 474 -25.52 -21.56 10.76
C ILE A 474 -26.11 -20.27 11.33
N HIS A 475 -25.94 -20.05 12.63
CA HIS A 475 -26.42 -18.80 13.22
CA HIS A 475 -26.41 -18.83 13.26
C HIS A 475 -25.28 -17.79 13.25
N VAL A 476 -25.55 -16.61 12.70
CA VAL A 476 -24.50 -15.61 12.52
C VAL A 476 -24.81 -14.34 13.29
N ASN A 477 -23.78 -13.77 13.89
CA ASN A 477 -23.91 -12.50 14.59
C ASN A 477 -22.83 -11.53 14.14
N GLN A 478 -23.20 -10.25 13.98
CA GLN A 478 -22.19 -9.22 13.69
C GLN A 478 -22.21 -8.09 14.74
N TYR A 479 -21.03 -7.56 15.02
CA TYR A 479 -20.82 -6.55 16.05
C TYR A 479 -19.62 -5.68 15.70
N THR A 480 -19.79 -4.36 15.74
CA THR A 480 -18.66 -3.44 15.61
C THR A 480 -18.55 -2.64 16.89
N LYS A 481 -17.34 -2.58 17.48
CA LYS A 481 -17.18 -1.85 18.73
C LYS A 481 -17.37 -0.35 18.53
N PRO A 482 -18.14 0.30 19.42
CA PRO A 482 -18.23 1.76 19.36
C PRO A 482 -16.84 2.40 19.42
N ASP A 483 -16.66 3.56 18.80
CA ASP A 483 -15.37 4.25 18.84
C ASP A 483 -15.60 5.75 18.80
N GLU A 484 -14.58 6.53 18.46
CA GLU A 484 -14.73 7.98 18.53
C GLU A 484 -15.53 8.55 17.35
N ASN A 485 -15.85 7.71 16.36
CA ASN A 485 -16.57 8.18 15.17
C ASN A 485 -18.08 7.89 15.22
N GLN A 486 -18.45 6.72 15.73
CA GLN A 486 -19.86 6.41 15.99
C GLN A 486 -20.04 5.83 17.38
N LYS A 487 -20.96 6.41 18.14
CA LYS A 487 -21.35 5.88 19.44
C LYS A 487 -22.16 4.60 19.26
N GLU A 488 -22.99 4.60 18.23
CA GLU A 488 -23.80 3.43 17.90
C GLU A 488 -23.44 2.94 16.50
N LYS A 489 -23.07 1.68 16.39
CA LYS A 489 -22.68 1.11 15.11
C LYS A 489 -23.88 0.38 14.53
N LYS A 490 -24.11 0.51 13.24
CA LYS A 490 -25.24 -0.16 12.62
C LYS A 490 -24.76 -1.44 11.96
N PRO A 491 -25.68 -2.40 11.75
CA PRO A 491 -25.34 -3.64 11.04
C PRO A 491 -24.98 -3.36 9.58
N LEU A 492 -23.91 -3.98 9.10
CA LEU A 492 -23.47 -3.83 7.72
C LEU A 492 -24.07 -4.90 6.81
N PHE A 493 -24.04 -4.63 5.51
CA PHE A 493 -24.32 -5.65 4.51
C PHE A 493 -23.05 -6.50 4.38
N ILE A 494 -23.07 -7.70 4.95
CA ILE A 494 -21.90 -8.57 4.96
C ILE A 494 -22.12 -9.82 4.12
N PRO A 495 -21.35 -9.95 3.03
CA PRO A 495 -21.48 -11.16 2.21
C PRO A 495 -20.54 -12.26 2.72
N ILE A 496 -21.11 -13.42 3.04
CA ILE A 496 -20.34 -14.50 3.60
C ILE A 496 -20.28 -15.66 2.62
N SER A 497 -19.19 -15.77 1.87
CA SER A 497 -19.00 -16.88 0.96
CA SER A 497 -19.00 -16.88 0.96
C SER A 497 -18.73 -18.15 1.77
N VAL A 498 -19.55 -19.17 1.55
CA VAL A 498 -19.45 -20.38 2.38
C VAL A 498 -19.49 -21.68 1.58
N GLY A 499 -18.88 -22.71 2.15
CA GLY A 499 -19.02 -24.06 1.67
C GLY A 499 -19.27 -24.97 2.88
N LEU A 500 -19.66 -26.19 2.61
CA LEU A 500 -19.82 -27.17 3.68
C LEU A 500 -19.01 -28.40 3.32
N ILE A 501 -18.05 -28.73 4.16
CA ILE A 501 -17.19 -29.87 3.91
C ILE A 501 -17.69 -31.10 4.65
N ASN A 502 -17.82 -32.21 3.93
CA ASN A 502 -18.12 -33.50 4.54
C ASN A 502 -16.85 -33.99 5.24
N PRO A 503 -16.90 -34.09 6.58
CA PRO A 503 -15.68 -34.44 7.30
C PRO A 503 -15.24 -35.88 7.04
N GLU A 504 -16.12 -36.68 6.43
CA GLU A 504 -15.82 -38.10 6.17
C GLU A 504 -14.95 -38.31 4.94
N ASN A 505 -15.12 -37.47 3.91
CA ASN A 505 -14.39 -37.65 2.65
C ASN A 505 -13.84 -36.37 2.06
N GLY A 506 -14.04 -35.25 2.76
CA GLY A 506 -13.49 -33.97 2.33
C GLY A 506 -14.21 -33.30 1.18
N LYS A 507 -15.36 -33.83 0.78
CA LYS A 507 -16.08 -33.33 -0.39
C LYS A 507 -16.96 -32.12 -0.09
N GLU A 508 -17.15 -31.28 -1.11
CA GLU A 508 -18.13 -30.20 -1.07
C GLU A 508 -19.54 -30.77 -0.95
N MET A 509 -20.34 -30.20 -0.06
CA MET A 509 -21.70 -30.70 0.14
C MET A 509 -22.74 -29.80 -0.51
N ILE A 510 -22.40 -28.54 -0.75
CA ILE A 510 -23.34 -27.64 -1.41
C ILE A 510 -22.64 -26.89 -2.52
N SER A 511 -23.40 -26.37 -3.47
CA SER A 511 -22.86 -25.49 -4.50
C SER A 511 -22.41 -24.19 -3.86
N GLN A 512 -21.63 -23.41 -4.62
CA GLN A 512 -21.21 -22.08 -4.24
C GLN A 512 -22.35 -21.26 -3.67
N THR A 513 -22.13 -20.67 -2.50
CA THR A 513 -23.19 -19.92 -1.83
C THR A 513 -22.61 -18.71 -1.11
N THR A 514 -23.24 -17.56 -1.33
CA THR A 514 -22.89 -16.38 -0.58
C THR A 514 -24.06 -15.97 0.29
N LEU A 515 -23.86 -16.08 1.60
CA LEU A 515 -24.88 -15.65 2.55
C LEU A 515 -24.88 -14.13 2.63
N GLU A 516 -26.06 -13.52 2.56
CA GLU A 516 -26.15 -12.07 2.66
C GLU A 516 -26.64 -11.70 4.05
N LEU A 517 -25.69 -11.42 4.95
CA LEU A 517 -26.03 -11.02 6.30
C LEU A 517 -26.30 -9.51 6.32
N THR A 518 -27.53 -9.11 6.59
CA THR A 518 -27.85 -7.67 6.57
C THR A 518 -28.43 -7.21 7.90
N LYS A 519 -28.61 -8.15 8.82
CA LYS A 519 -29.14 -7.82 10.14
C LYS A 519 -28.05 -8.02 11.19
N GLU A 520 -28.34 -7.65 12.43
CA GLU A 520 -27.37 -7.85 13.49
C GLU A 520 -27.09 -9.32 13.67
N SER A 521 -28.09 -10.14 13.39
CA SER A 521 -27.91 -11.58 13.47
C SER A 521 -28.91 -12.27 12.59
N ASP A 522 -28.58 -13.48 12.14
CA ASP A 522 -29.49 -14.24 11.30
C ASP A 522 -29.18 -15.72 11.40
N THR A 523 -30.15 -16.54 11.04
CA THR A 523 -29.93 -17.99 11.02
C THR A 523 -30.16 -18.51 9.60
N PHE A 524 -29.11 -19.11 9.03
CA PHE A 524 -29.17 -19.70 7.70
C PHE A 524 -29.30 -21.20 7.80
N VAL A 525 -30.38 -21.75 7.24
CA VAL A 525 -30.69 -23.17 7.38
C VAL A 525 -30.52 -23.88 6.04
N PHE A 526 -29.98 -25.09 6.08
CA PHE A 526 -29.74 -25.87 4.88
C PHE A 526 -30.40 -27.23 5.03
N ASN A 527 -31.18 -27.62 4.03
CA ASN A 527 -31.83 -28.93 4.05
C ASN A 527 -31.05 -29.95 3.25
N ASN A 528 -31.38 -31.22 3.47
CA ASN A 528 -30.77 -32.29 2.72
C ASN A 528 -29.26 -32.24 2.88
N ILE A 529 -28.83 -32.05 4.13
CA ILE A 529 -27.43 -32.15 4.51
C ILE A 529 -27.27 -33.52 5.17
N ALA A 530 -26.63 -34.43 4.45
CA ALA A 530 -26.66 -35.85 4.76
C ALA A 530 -25.88 -36.21 6.01
N VAL A 531 -24.87 -35.41 6.31
CA VAL A 531 -24.04 -35.64 7.47
C VAL A 531 -23.62 -34.31 8.07
N LYS A 532 -23.22 -34.31 9.33
CA LYS A 532 -22.80 -33.07 9.97
C LYS A 532 -21.56 -32.53 9.27
N PRO A 533 -21.68 -31.34 8.66
CA PRO A 533 -20.57 -30.78 7.90
C PRO A 533 -19.61 -29.98 8.77
N ILE A 534 -18.46 -29.64 8.22
CA ILE A 534 -17.62 -28.60 8.80
C ILE A 534 -17.77 -27.39 7.91
N PRO A 535 -18.16 -26.25 8.49
CA PRO A 535 -18.42 -25.09 7.63
C PRO A 535 -17.13 -24.38 7.20
N SER A 536 -17.04 -24.09 5.91
CA SER A 536 -15.92 -23.35 5.33
C SER A 536 -16.38 -21.91 5.15
N LEU A 537 -15.97 -21.04 6.08
CA LEU A 537 -16.59 -19.72 6.21
C LEU A 537 -15.75 -18.54 5.69
N PHE A 538 -16.41 -17.62 4.99
CA PHE A 538 -15.76 -16.46 4.41
C PHE A 538 -14.68 -16.84 3.40
N ARG A 539 -15.02 -17.76 2.50
CA ARG A 539 -14.10 -18.17 1.44
C ARG A 539 -13.60 -16.96 0.67
N GLY A 540 -12.29 -16.96 0.38
CA GLY A 540 -11.64 -15.87 -0.32
C GLY A 540 -11.48 -14.65 0.57
N PHE A 541 -11.80 -14.81 1.86
CA PHE A 541 -11.92 -13.69 2.80
C PHE A 541 -12.94 -12.67 2.28
N SER A 542 -14.21 -13.07 2.29
CA SER A 542 -15.23 -12.37 1.51
C SER A 542 -15.74 -11.06 2.14
N ALA A 543 -15.32 -10.75 3.35
CA ALA A 543 -15.65 -9.47 3.98
C ALA A 543 -14.52 -9.08 4.93
N PRO A 544 -14.23 -7.78 5.05
CA PRO A 544 -13.10 -7.38 5.89
C PRO A 544 -13.49 -7.31 7.37
N VAL A 545 -13.45 -8.47 8.03
CA VAL A 545 -14.01 -8.62 9.37
C VAL A 545 -13.12 -9.52 10.21
N TYR A 546 -13.27 -9.41 11.54
CA TYR A 546 -12.79 -10.43 12.46
C TYR A 546 -13.69 -11.67 12.39
N ILE A 547 -13.12 -12.80 11.97
CA ILE A 547 -13.90 -14.04 11.89
C ILE A 547 -13.73 -14.87 13.16
N GLU A 548 -14.83 -15.11 13.86
CA GLU A 548 -14.80 -15.99 15.01
C GLU A 548 -15.59 -17.25 14.70
N ASP A 549 -14.88 -18.28 14.22
CA ASP A 549 -15.55 -19.44 13.62
C ASP A 549 -16.09 -20.46 14.63
N GLN A 550 -15.67 -20.34 15.89
CA GLN A 550 -16.10 -21.22 16.97
C GLN A 550 -15.93 -22.70 16.61
N LEU A 551 -14.94 -23.01 15.78
CA LEU A 551 -14.64 -24.39 15.45
C LEU A 551 -13.62 -24.99 16.41
N THR A 552 -13.63 -26.31 16.54
CA THR A 552 -12.62 -26.97 17.35
C THR A 552 -11.32 -27.05 16.55
N ASP A 553 -10.21 -27.32 17.22
CA ASP A 553 -8.96 -27.46 16.48
C ASP A 553 -9.03 -28.68 15.57
N GLU A 554 -9.73 -29.73 16.00
CA GLU A 554 -9.96 -30.88 15.12
C GLU A 554 -10.65 -30.46 13.82
N GLU A 555 -11.70 -29.65 13.95
CA GLU A 555 -12.41 -29.14 12.77
C GLU A 555 -11.49 -28.26 11.92
N ARG A 556 -10.73 -27.37 12.54
CA ARG A 556 -9.83 -26.51 11.79
C ARG A 556 -8.76 -27.30 11.05
N ILE A 557 -8.31 -28.40 11.66
CA ILE A 557 -7.28 -29.23 11.04
C ILE A 557 -7.83 -29.94 9.80
N LEU A 558 -9.05 -30.44 9.91
CA LEU A 558 -9.68 -31.09 8.77
C LEU A 558 -9.85 -30.11 7.59
N LEU A 559 -10.24 -28.87 7.90
CA LEU A 559 -10.35 -27.83 6.86
C LEU A 559 -8.97 -27.57 6.26
N LEU A 560 -7.99 -27.40 7.14
CA LEU A 560 -6.62 -27.16 6.71
C LEU A 560 -6.17 -28.25 5.75
N LYS A 561 -6.54 -29.50 6.02
CA LYS A 561 -6.12 -30.59 5.15
C LYS A 561 -6.97 -30.70 3.89
N TYR A 562 -8.28 -30.48 4.02
CA TYR A 562 -9.17 -30.96 2.97
C TYR A 562 -10.05 -29.90 2.28
N ASP A 563 -10.12 -28.69 2.85
CA ASP A 563 -10.97 -27.66 2.26
C ASP A 563 -10.44 -27.26 0.87
N SER A 564 -11.32 -26.74 0.02
CA SER A 564 -10.93 -26.30 -1.32
C SER A 564 -10.47 -24.85 -1.38
N ASP A 565 -10.80 -24.07 -0.36
CA ASP A 565 -10.52 -22.64 -0.41
C ASP A 565 -9.21 -22.27 0.31
N ALA A 566 -8.28 -21.66 -0.41
CA ALA A 566 -6.96 -21.35 0.14
C ALA A 566 -7.06 -20.49 1.38
N PHE A 567 -7.91 -19.47 1.34
CA PHE A 567 -7.98 -18.59 2.49
C PHE A 567 -8.54 -19.30 3.72
N VAL A 568 -9.59 -20.12 3.57
CA VAL A 568 -10.15 -20.75 4.79
C VAL A 568 -9.14 -21.75 5.38
N ARG A 569 -8.39 -22.43 4.53
CA ARG A 569 -7.35 -23.33 5.03
C ARG A 569 -6.31 -22.54 5.83
N TYR A 570 -5.80 -21.48 5.22
CA TYR A 570 -4.84 -20.56 5.83
C TYR A 570 -5.39 -19.97 7.13
N ASN A 571 -6.67 -19.60 7.13
CA ASN A 571 -7.27 -19.00 8.31
C ASN A 571 -7.51 -20.02 9.41
N SER A 572 -7.84 -21.25 9.05
CA SER A 572 -8.00 -22.30 10.05
C SER A 572 -6.66 -22.51 10.75
N CYS A 573 -5.58 -22.61 9.98
CA CYS A 573 -4.24 -22.66 10.53
C CYS A 573 -3.95 -21.42 11.41
N THR A 574 -4.23 -20.23 10.88
CA THR A 574 -4.08 -18.99 11.66
C THR A 574 -4.81 -19.10 13.02
N ASN A 575 -6.04 -19.59 12.99
CA ASN A 575 -6.83 -19.70 14.22
C ASN A 575 -6.30 -20.71 15.22
N ILE A 576 -5.79 -21.84 14.71
CA ILE A 576 -5.15 -22.81 15.57
C ILE A 576 -3.94 -22.18 16.28
N TYR A 577 -3.11 -21.47 15.50
CA TYR A 577 -1.98 -20.76 16.09
C TYR A 577 -2.42 -19.73 17.14
N MET A 578 -3.44 -18.93 16.81
CA MET A 578 -3.87 -17.91 17.77
C MET A 578 -4.33 -18.51 19.10
N LYS A 579 -5.08 -19.61 19.06
CA LYS A 579 -5.50 -20.26 20.30
C LYS A 579 -4.28 -20.67 21.13
N GLN A 580 -3.32 -21.27 20.46
CA GLN A 580 -2.08 -21.69 21.12
C GLN A 580 -1.33 -20.49 21.71
N ILE A 581 -1.19 -19.43 20.91
CA ILE A 581 -0.50 -18.20 21.31
C ILE A 581 -1.15 -17.54 22.52
N LEU A 582 -2.47 -17.39 22.49
CA LEU A 582 -3.14 -16.77 23.61
C LEU A 582 -2.95 -17.61 24.88
N MET A 583 -3.06 -18.94 24.75
CA MET A 583 -2.93 -19.84 25.89
CA MET A 583 -2.92 -19.82 25.90
C MET A 583 -1.51 -19.79 26.50
N ASN A 584 -0.49 -19.91 25.66
CA ASN A 584 0.90 -19.89 26.12
C ASN A 584 1.31 -18.51 26.64
N TYR A 585 0.83 -17.46 25.96
CA TYR A 585 1.06 -16.09 26.42
C TYR A 585 0.61 -15.92 27.87
N ASN A 586 -0.60 -16.36 28.18
CA ASN A 586 -1.14 -16.15 29.52
CA ASN A 586 -1.15 -16.14 29.51
C ASN A 586 -0.40 -17.00 30.54
N GLU A 587 0.06 -18.17 30.13
CA GLU A 587 0.84 -19.03 31.03
C GLU A 587 2.18 -18.35 31.35
N PHE A 588 2.89 -17.85 30.34
CA PHE A 588 4.11 -17.09 30.56
C PHE A 588 3.89 -15.82 31.38
N LEU A 589 2.80 -15.11 31.08
CA LEU A 589 2.49 -13.87 31.78
C LEU A 589 2.25 -14.14 33.26
N LYS A 590 1.48 -15.17 33.55
CA LYS A 590 1.15 -15.52 34.92
C LYS A 590 2.42 -15.93 35.70
N ALA A 591 3.33 -16.66 35.06
CA ALA A 591 4.57 -17.04 35.73
C ALA A 591 5.42 -15.83 36.08
N LYS A 592 5.45 -14.87 35.15
CA LYS A 592 6.21 -13.63 35.31
C LYS A 592 5.63 -12.79 36.44
N ASN A 593 4.33 -12.60 36.38
CA ASN A 593 3.63 -11.80 37.38
C ASN A 593 3.77 -12.40 38.76
N GLU A 594 3.62 -13.71 38.85
CA GLU A 594 3.68 -14.38 40.14
C GLU A 594 5.10 -14.79 40.52
N LYS A 595 6.07 -14.45 39.67
CA LYS A 595 7.47 -14.76 39.97
C LYS A 595 7.66 -16.23 40.34
N LEU A 596 7.08 -17.12 39.52
CA LEU A 596 7.07 -18.54 39.78
C LEU A 596 8.44 -19.17 39.56
N GLU A 597 8.81 -20.11 40.42
CA GLU A 597 10.06 -20.84 40.26
C GLU A 597 9.90 -21.97 39.25
N SER A 598 8.66 -22.44 39.10
CA SER A 598 8.33 -23.47 38.11
C SER A 598 6.88 -23.30 37.70
N PHE A 599 6.56 -23.77 36.50
CA PHE A 599 5.21 -23.72 35.99
C PHE A 599 5.14 -24.61 34.76
N GLN A 600 3.93 -24.79 34.22
CA GLN A 600 3.76 -25.57 33.00
C GLN A 600 3.32 -24.73 31.80
N LEU A 601 3.73 -25.18 30.61
CA LEU A 601 3.22 -24.66 29.35
C LEU A 601 2.42 -25.73 28.62
N THR A 602 1.31 -25.33 28.01
CA THR A 602 0.50 -26.25 27.22
C THR A 602 1.18 -26.49 25.87
N PRO A 603 1.55 -27.75 25.61
CA PRO A 603 2.19 -28.12 24.35
C PRO A 603 1.33 -27.80 23.12
N VAL A 604 1.98 -27.63 21.98
CA VAL A 604 1.28 -27.46 20.70
C VAL A 604 0.56 -28.76 20.36
N ASN A 605 -0.66 -28.63 19.83
CA ASN A 605 -1.49 -29.77 19.42
C ASN A 605 -0.76 -30.70 18.46
N ALA A 606 -0.64 -31.98 18.86
CA ALA A 606 0.14 -32.94 18.09
C ALA A 606 -0.45 -33.24 16.71
N GLN A 607 -1.78 -33.25 16.63
CA GLN A 607 -2.46 -33.52 15.36
C GLN A 607 -2.30 -32.33 14.42
N PHE A 608 -2.18 -31.14 14.99
CA PHE A 608 -1.85 -29.95 14.19
C PHE A 608 -0.46 -30.13 13.57
N ILE A 609 0.52 -30.48 14.38
CA ILE A 609 1.88 -30.68 13.88
C ILE A 609 1.87 -31.77 12.81
N ASP A 610 1.15 -32.86 13.06
CA ASP A 610 1.00 -33.91 12.06
C ASP A 610 0.40 -33.41 10.74
N ALA A 611 -0.52 -32.47 10.82
CA ALA A 611 -1.17 -31.94 9.62
C ALA A 611 -0.21 -31.05 8.82
N ILE A 612 0.57 -30.24 9.54
CA ILE A 612 1.62 -29.46 8.89
C ILE A 612 2.57 -30.39 8.14
N LYS A 613 2.98 -31.47 8.80
CA LYS A 613 3.89 -32.43 8.19
C LYS A 613 3.29 -33.03 6.93
N TYR A 614 2.03 -33.41 7.02
CA TYR A 614 1.28 -33.98 5.90
C TYR A 614 1.29 -33.04 4.70
N LEU A 615 1.03 -31.76 4.94
CA LEU A 615 0.97 -30.79 3.85
C LEU A 615 2.34 -30.53 3.26
N LEU A 616 3.36 -30.37 4.12
CA LEU A 616 4.72 -30.12 3.63
C LEU A 616 5.20 -31.27 2.76
N GLU A 617 4.81 -32.49 3.12
CA GLU A 617 5.29 -33.65 2.40
C GLU A 617 4.47 -33.95 1.15
N ASP A 618 3.40 -33.19 0.92
CA ASP A 618 2.59 -33.42 -0.27
C ASP A 618 3.22 -32.72 -1.47
N PRO A 619 3.78 -33.51 -2.40
CA PRO A 619 4.48 -32.91 -3.54
C PRO A 619 3.56 -32.13 -4.48
N HIS A 620 2.25 -32.32 -4.38
CA HIS A 620 1.32 -31.61 -5.25
C HIS A 620 0.84 -30.32 -4.62
N ALA A 621 1.17 -30.11 -3.35
CA ALA A 621 0.75 -28.90 -2.64
C ALA A 621 1.63 -27.69 -3.00
N ASP A 622 1.08 -26.49 -2.84
CA ASP A 622 1.73 -25.25 -3.26
C ASP A 622 2.81 -24.78 -2.27
N ALA A 623 3.99 -24.48 -2.80
CA ALA A 623 5.12 -24.04 -1.98
C ALA A 623 4.86 -22.72 -1.26
N GLY A 624 4.22 -21.77 -1.94
CA GLY A 624 3.85 -20.52 -1.30
C GLY A 624 2.97 -20.77 -0.08
N PHE A 625 1.93 -21.57 -0.27
CA PHE A 625 1.01 -21.89 0.81
C PHE A 625 1.76 -22.57 1.97
N LYS A 626 2.65 -23.50 1.63
CA LYS A 626 3.46 -24.17 2.66
C LYS A 626 4.21 -23.16 3.54
N SER A 627 4.77 -22.13 2.92
CA SER A 627 5.57 -21.16 3.67
C SER A 627 4.69 -20.41 4.67
N TYR A 628 3.40 -20.26 4.37
CA TYR A 628 2.49 -19.60 5.30
C TYR A 628 2.16 -20.46 6.50
N ILE A 629 2.02 -21.76 6.30
CA ILE A 629 1.57 -22.60 7.41
C ILE A 629 2.70 -22.87 8.42
N VAL A 630 3.96 -22.74 8.03
CA VAL A 630 5.05 -22.96 9.00
C VAL A 630 5.43 -21.66 9.71
N SER A 631 4.76 -20.58 9.34
CA SER A 631 4.99 -19.26 9.93
C SER A 631 3.86 -18.91 10.89
N LEU A 632 4.20 -18.45 12.09
CA LEU A 632 3.20 -17.93 13.03
C LEU A 632 2.57 -16.67 12.47
N PRO A 633 1.36 -16.33 12.94
CA PRO A 633 0.74 -15.06 12.57
C PRO A 633 1.62 -13.86 12.89
N GLN A 634 1.55 -12.82 12.06
CA GLN A 634 2.29 -11.57 12.28
C GLN A 634 2.04 -10.99 13.67
N ASP A 635 3.09 -10.42 14.27
CA ASP A 635 2.97 -9.71 15.54
C ASP A 635 1.83 -8.68 15.53
N ARG A 636 1.71 -7.92 14.45
CA ARG A 636 0.69 -6.88 14.40
C ARG A 636 -0.73 -7.42 14.10
N TYR A 637 -0.84 -8.72 13.79
CA TYR A 637 -2.14 -9.39 13.77
C TYR A 637 -2.45 -9.86 15.20
N ILE A 638 -1.45 -10.47 15.84
CA ILE A 638 -1.60 -10.99 17.20
C ILE A 638 -2.05 -9.91 18.19
N ILE A 639 -1.49 -8.71 18.08
CA ILE A 639 -1.72 -7.68 19.09
C ILE A 639 -3.19 -7.24 19.17
N ASN A 640 -3.94 -7.45 18.09
CA ASN A 640 -5.39 -7.16 18.11
C ASN A 640 -6.18 -8.05 19.08
N PHE A 641 -5.57 -9.11 19.58
CA PHE A 641 -6.29 -10.07 20.43
C PHE A 641 -5.77 -10.11 21.87
N VAL A 642 -4.86 -9.21 22.19
CA VAL A 642 -4.25 -9.19 23.51
C VAL A 642 -4.22 -7.79 24.09
N SER A 643 -4.76 -7.64 25.30
CA SER A 643 -4.73 -6.35 26.01
C SER A 643 -3.40 -6.16 26.72
N ASN A 644 -2.86 -4.95 26.66
CA ASN A 644 -1.63 -4.63 27.41
C ASN A 644 -0.52 -5.60 27.07
N LEU A 645 -0.35 -5.84 25.77
CA LEU A 645 0.63 -6.82 25.30
C LEU A 645 2.04 -6.57 25.81
N ASP A 646 2.58 -7.55 26.52
CA ASP A 646 3.96 -7.51 26.95
C ASP A 646 4.77 -8.13 25.83
N THR A 647 5.57 -7.33 25.13
CA THR A 647 6.28 -7.82 23.95
C THR A 647 7.29 -8.91 24.28
N ASP A 648 7.86 -8.87 25.49
CA ASP A 648 8.81 -9.88 25.91
C ASP A 648 8.13 -11.22 26.08
N VAL A 649 6.96 -11.21 26.72
CA VAL A 649 6.18 -12.42 26.91
C VAL A 649 5.74 -12.95 25.54
N LEU A 650 5.36 -12.07 24.62
CA LEU A 650 4.99 -12.55 23.30
C LEU A 650 6.20 -13.17 22.58
N ALA A 651 7.37 -12.55 22.75
CA ALA A 651 8.58 -13.11 22.15
C ALA A 651 8.85 -14.50 22.72
N ASP A 652 8.70 -14.65 24.03
CA ASP A 652 8.87 -15.97 24.67
C ASP A 652 7.83 -16.98 24.17
N THR A 653 6.62 -16.50 23.91
CA THR A 653 5.52 -17.37 23.49
C THR A 653 5.82 -17.92 22.11
N LYS A 654 6.21 -17.03 21.21
CA LYS A 654 6.51 -17.39 19.83
C LYS A 654 7.68 -18.38 19.79
N GLU A 655 8.70 -18.08 20.58
CA GLU A 655 9.88 -18.94 20.65
C GLU A 655 9.51 -20.36 21.09
N TYR A 656 8.67 -20.47 22.13
CA TYR A 656 8.25 -21.78 22.64
C TYR A 656 7.52 -22.56 21.56
N ILE A 657 6.60 -21.89 20.88
CA ILE A 657 5.77 -22.57 19.90
C ILE A 657 6.60 -23.00 18.68
N TYR A 658 7.51 -22.15 18.23
CA TYR A 658 8.40 -22.50 17.13
C TYR A 658 9.31 -23.68 17.49
N LYS A 659 9.73 -23.72 18.76
CA LYS A 659 10.64 -24.77 19.20
C LYS A 659 9.87 -26.10 19.29
N GLN A 660 8.64 -26.02 19.79
CA GLN A 660 7.76 -27.17 19.87
C GLN A 660 7.57 -27.86 18.52
N ILE A 661 7.32 -27.04 17.50
CA ILE A 661 7.05 -27.54 16.17
C ILE A 661 8.35 -28.02 15.51
N GLY A 662 9.41 -27.24 15.68
CA GLY A 662 10.71 -27.60 15.15
C GLY A 662 11.26 -28.90 15.74
N ASP A 663 11.07 -29.11 17.04
CA ASP A 663 11.52 -30.34 17.69
C ASP A 663 10.95 -31.57 16.97
N LYS A 664 9.79 -31.41 16.35
CA LYS A 664 9.16 -32.50 15.63
C LYS A 664 9.47 -32.50 14.13
N LEU A 665 9.50 -31.32 13.50
CA LEU A 665 9.58 -31.24 12.05
C LEU A 665 10.93 -30.81 11.43
N ASN A 666 11.93 -30.50 12.25
CA ASN A 666 13.19 -29.99 11.68
C ASN A 666 13.82 -30.91 10.63
N ASP A 667 13.78 -32.23 10.85
CA ASP A 667 14.28 -33.19 9.87
C ASP A 667 13.50 -33.08 8.56
N VAL A 668 12.18 -32.98 8.67
CA VAL A 668 11.35 -32.72 7.49
C VAL A 668 11.75 -31.39 6.83
N TYR A 669 11.93 -30.33 7.62
CA TYR A 669 12.32 -29.02 7.08
C TYR A 669 13.63 -29.11 6.31
N TYR A 670 14.61 -29.81 6.89
CA TYR A 670 15.91 -29.93 6.25
C TYR A 670 15.83 -30.70 4.95
N LYS A 671 15.08 -31.79 4.98
CA LYS A 671 14.93 -32.64 3.80
C LYS A 671 14.29 -31.86 2.65
N MET A 672 13.28 -31.05 2.97
CA MET A 672 12.61 -30.25 1.94
C MET A 672 13.52 -29.16 1.42
N PHE A 673 14.23 -28.51 2.34
CA PHE A 673 15.17 -27.47 1.94
C PHE A 673 16.14 -28.02 0.91
N LYS A 674 16.59 -29.27 1.10
CA LYS A 674 17.53 -29.88 0.16
C LYS A 674 16.86 -30.27 -1.15
N SER A 675 15.67 -30.86 -1.07
CA SER A 675 15.01 -31.38 -2.26
C SER A 675 14.44 -30.28 -3.15
N LEU A 676 14.17 -29.12 -2.56
CA LEU A 676 13.59 -28.01 -3.30
C LEU A 676 14.64 -27.26 -4.13
N GLU A 677 15.92 -27.51 -3.85
CA GLU A 677 16.98 -26.68 -4.43
C GLU A 677 16.99 -26.62 -5.96
N ALA A 678 16.95 -27.78 -6.61
CA ALA A 678 17.02 -27.87 -8.08
C ALA A 678 15.98 -27.00 -8.77
N LYS A 679 14.71 -27.14 -8.41
CA LYS A 679 13.66 -26.34 -9.02
C LYS A 679 13.69 -24.88 -8.56
N ALA A 680 13.92 -24.66 -7.27
CA ALA A 680 13.85 -23.30 -6.73
C ALA A 680 14.92 -22.38 -7.31
N ASP A 681 16.14 -22.90 -7.46
CA ASP A 681 17.29 -22.08 -7.85
C ASP A 681 17.69 -22.25 -9.31
N ASP A 682 16.83 -22.91 -10.08
CA ASP A 682 17.06 -23.11 -11.52
C ASP A 682 17.53 -21.82 -12.20
N LEU A 683 18.67 -21.89 -12.88
CA LEU A 683 19.27 -20.73 -13.52
C LEU A 683 18.95 -20.61 -15.01
N THR A 684 18.10 -21.49 -15.51
CA THR A 684 17.81 -21.55 -16.96
C THR A 684 17.44 -20.20 -17.57
N TYR A 685 16.59 -19.44 -16.89
CA TYR A 685 16.15 -18.14 -17.43
C TYR A 685 16.70 -16.94 -16.65
N PHE A 686 17.81 -17.15 -15.94
CA PHE A 686 18.41 -16.11 -15.13
C PHE A 686 18.80 -14.87 -15.97
N ASN A 687 19.08 -15.06 -17.26
CA ASN A 687 19.41 -13.93 -18.11
C ASN A 687 18.32 -13.51 -19.08
N ASP A 688 17.10 -13.96 -18.80
CA ASP A 688 15.94 -13.52 -19.54
C ASP A 688 15.06 -12.72 -18.60
N GLU A 689 15.02 -11.40 -18.79
CA GLU A 689 14.28 -10.53 -17.88
C GLU A 689 12.78 -10.51 -18.09
N SER A 690 12.30 -11.17 -19.14
CA SER A 690 10.88 -11.21 -19.40
C SER A 690 10.29 -12.52 -18.88
N HIS A 691 11.17 -13.41 -18.44
CA HIS A 691 10.71 -14.69 -17.93
C HIS A 691 10.64 -14.66 -16.40
N VAL A 692 9.42 -14.53 -15.88
CA VAL A 692 9.18 -14.46 -14.44
C VAL A 692 8.24 -15.58 -14.01
N ASP A 693 8.68 -16.38 -13.05
CA ASP A 693 8.00 -17.60 -12.66
C ASP A 693 7.65 -17.46 -11.18
N PHE A 694 6.39 -17.17 -10.90
CA PHE A 694 5.98 -16.86 -9.56
C PHE A 694 5.95 -18.10 -8.68
N ASP A 695 5.66 -19.25 -9.26
CA ASP A 695 5.76 -20.51 -8.52
CA ASP A 695 5.76 -20.51 -8.52
C ASP A 695 7.20 -20.76 -8.08
N GLN A 696 8.15 -20.57 -8.98
CA GLN A 696 9.55 -20.78 -8.63
C GLN A 696 9.97 -19.82 -7.53
N MET A 697 9.56 -18.55 -7.63
CA MET A 697 9.90 -17.60 -6.56
C MET A 697 9.27 -18.04 -5.23
N ASN A 698 8.06 -18.58 -5.28
CA ASN A 698 7.46 -19.14 -4.07
C ASN A 698 8.26 -20.32 -3.51
N MET A 699 8.89 -21.10 -4.37
CA MET A 699 9.75 -22.17 -3.91
C MET A 699 10.97 -21.63 -3.20
N ARG A 700 11.48 -20.50 -3.65
CA ARG A 700 12.61 -19.89 -2.95
C ARG A 700 12.15 -19.36 -1.60
N THR A 701 10.95 -18.75 -1.56
CA THR A 701 10.39 -18.25 -0.32
C THR A 701 10.31 -19.39 0.71
N LEU A 702 9.85 -20.54 0.26
CA LEU A 702 9.74 -21.69 1.16
C LEU A 702 11.12 -22.14 1.66
N ARG A 703 12.07 -22.28 0.75
CA ARG A 703 13.43 -22.68 1.13
C ARG A 703 14.01 -21.69 2.14
N ASN A 704 13.82 -20.41 1.87
CA ASN A 704 14.38 -19.36 2.73
C ASN A 704 13.69 -19.28 4.07
N THR A 705 12.40 -19.62 4.08
CA THR A 705 11.64 -19.70 5.33
C THR A 705 12.11 -20.90 6.16
N LEU A 706 12.30 -22.03 5.50
CA LEU A 706 12.81 -23.22 6.18
C LEU A 706 14.23 -23.02 6.70
N LEU A 707 15.07 -22.36 5.90
CA LEU A 707 16.45 -22.14 6.30
C LEU A 707 16.48 -21.31 7.57
N SER A 708 15.64 -20.27 7.60
CA SER A 708 15.55 -19.41 8.77
C SER A 708 15.14 -20.22 10.02
N LEU A 709 14.12 -21.06 9.88
CA LEU A 709 13.67 -21.91 10.99
C LEU A 709 14.77 -22.85 11.46
N LEU A 710 15.48 -23.45 10.50
CA LEU A 710 16.57 -24.37 10.83
C LEU A 710 17.73 -23.65 11.50
N SER A 711 18.04 -22.43 11.07
CA SER A 711 19.15 -21.68 11.65
C SER A 711 18.87 -21.23 13.08
N LYS A 712 17.67 -20.71 13.30
CA LYS A 712 17.23 -20.36 14.65
C LYS A 712 17.28 -21.58 15.57
N ALA A 713 16.87 -22.73 15.04
CA ALA A 713 16.90 -23.99 15.80
C ALA A 713 18.31 -24.54 16.00
N GLN A 714 19.31 -23.95 15.35
CA GLN A 714 20.67 -24.44 15.47
C GLN A 714 20.77 -25.89 15.01
N TYR A 715 20.05 -26.21 13.94
CA TYR A 715 20.07 -27.55 13.36
C TYR A 715 21.50 -27.98 13.06
N PRO A 716 21.84 -29.27 13.29
CA PRO A 716 23.23 -29.71 13.18
C PRO A 716 23.87 -29.36 11.85
N ASN A 717 24.96 -28.59 11.92
CA ASN A 717 25.77 -28.26 10.73
C ASN A 717 25.07 -27.35 9.72
N ILE A 718 23.96 -26.72 10.10
CA ILE A 718 23.24 -25.88 9.15
C ILE A 718 24.09 -24.70 8.64
N LEU A 719 25.11 -24.33 9.40
CA LEU A 719 25.99 -23.26 8.96
C LEU A 719 26.62 -23.61 7.63
N ASN A 720 26.86 -24.90 7.40
CA ASN A 720 27.30 -25.36 6.09
C ASN A 720 26.37 -24.91 4.97
N GLU A 721 25.07 -25.12 5.16
CA GLU A 721 24.08 -24.75 4.16
C GLU A 721 24.03 -23.24 4.00
N ILE A 722 24.08 -22.54 5.12
CA ILE A 722 24.07 -21.08 5.11
C ILE A 722 25.20 -20.52 4.23
N ILE A 723 26.41 -21.04 4.41
CA ILE A 723 27.57 -20.57 3.63
C ILE A 723 27.44 -20.91 2.14
N GLU A 724 26.98 -22.11 1.80
CA GLU A 724 26.70 -22.44 0.40
C GLU A 724 25.63 -21.52 -0.19
N HIS A 725 24.61 -21.22 0.61
CA HIS A 725 23.50 -20.37 0.18
C HIS A 725 24.00 -18.97 -0.22
N SER A 726 25.05 -18.51 0.46
CA SER A 726 25.56 -17.15 0.21
C SER A 726 26.23 -17.06 -1.16
N LYS A 727 26.43 -18.22 -1.80
CA LYS A 727 27.08 -18.27 -3.10
C LYS A 727 26.06 -18.30 -4.24
N SER A 728 24.77 -18.36 -3.89
CA SER A 728 23.72 -18.35 -4.90
C SER A 728 23.71 -17.06 -5.72
N PRO A 729 23.44 -17.17 -7.03
CA PRO A 729 23.27 -15.99 -7.89
C PRO A 729 22.05 -15.11 -7.53
N TYR A 730 21.02 -15.70 -6.90
CA TYR A 730 19.81 -14.94 -6.54
C TYR A 730 19.91 -14.16 -5.23
N PRO A 731 19.76 -12.83 -5.30
CA PRO A 731 19.82 -11.97 -4.10
C PRO A 731 18.88 -12.39 -2.97
N SER A 732 17.70 -12.92 -3.29
CA SER A 732 16.81 -13.41 -2.24
C SER A 732 17.55 -14.45 -1.42
N ASN A 733 18.32 -15.29 -2.11
CA ASN A 733 19.09 -16.32 -1.41
C ASN A 733 20.27 -15.74 -0.62
N TRP A 734 21.14 -14.96 -1.26
CA TRP A 734 22.34 -14.56 -0.54
C TRP A 734 22.10 -13.45 0.50
N LEU A 735 21.00 -12.71 0.37
CA LEU A 735 20.62 -11.81 1.46
C LEU A 735 20.01 -12.60 2.61
N THR A 736 19.28 -13.66 2.27
CA THR A 736 18.76 -14.56 3.29
C THR A 736 19.93 -15.17 4.05
N SER A 737 21.03 -15.48 3.36
CA SER A 737 22.15 -16.12 4.03
C SER A 737 22.74 -15.16 5.06
N LEU A 738 22.76 -13.87 4.73
CA LEU A 738 23.16 -12.84 5.69
C LEU A 738 22.31 -12.86 6.97
N SER A 739 20.98 -12.77 6.85
CA SER A 739 20.18 -12.63 8.07
C SER A 739 20.09 -13.92 8.88
N VAL A 740 20.07 -15.09 8.25
CA VAL A 740 20.04 -16.33 9.05
C VAL A 740 21.41 -16.61 9.69
N SER A 741 22.48 -16.04 9.14
CA SER A 741 23.81 -16.19 9.73
C SER A 741 23.94 -15.42 11.05
N ALA A 742 22.96 -14.57 11.34
CA ALA A 742 22.95 -13.77 12.57
C ALA A 742 23.24 -14.62 13.80
N TYR A 743 22.72 -15.84 13.82
CA TYR A 743 22.88 -16.74 14.96
C TYR A 743 24.25 -17.45 14.96
N PHE A 744 25.18 -16.98 14.12
CA PHE A 744 26.50 -17.61 14.05
C PHE A 744 27.68 -16.62 14.02
N ASP A 745 28.87 -17.14 14.33
CA ASP A 745 30.10 -16.35 14.31
C ASP A 745 30.46 -15.85 12.91
N LYS A 746 29.79 -16.37 11.89
CA LYS A 746 30.10 -16.04 10.50
C LYS A 746 29.39 -14.79 10.01
N TYR A 747 28.57 -14.19 10.87
CA TYR A 747 27.69 -13.10 10.45
C TYR A 747 28.44 -11.92 9.81
N PHE A 748 29.47 -11.40 10.47
CA PHE A 748 30.09 -10.19 9.94
C PHE A 748 30.90 -10.52 8.69
N GLU A 749 31.29 -11.78 8.55
CA GLU A 749 31.94 -12.25 7.34
C GLU A 749 30.97 -12.16 6.16
N LEU A 750 29.72 -12.57 6.40
CA LEU A 750 28.70 -12.53 5.35
C LEU A 750 28.17 -11.11 5.18
N TYR A 751 28.23 -10.35 6.27
CA TYR A 751 27.93 -8.92 6.23
C TYR A 751 28.82 -8.21 5.21
N ASP A 752 30.13 -8.45 5.30
CA ASP A 752 31.08 -7.84 4.37
C ASP A 752 30.96 -8.39 2.95
N LYS A 753 30.76 -9.70 2.83
CA LYS A 753 30.58 -10.32 1.51
C LYS A 753 29.38 -9.71 0.80
N THR A 754 28.21 -9.76 1.45
CA THR A 754 26.98 -9.26 0.83
C THR A 754 26.99 -7.73 0.61
N TYR A 755 27.67 -6.99 1.48
CA TYR A 755 27.83 -5.55 1.23
C TYR A 755 28.56 -5.28 -0.09
N LYS A 756 29.64 -6.01 -0.31
CA LYS A 756 30.42 -5.81 -1.52
C LYS A 756 29.59 -6.17 -2.76
N LEU A 757 28.80 -7.23 -2.66
CA LEU A 757 27.86 -7.60 -3.72
C LEU A 757 26.78 -6.54 -4.00
N SER A 758 26.42 -5.78 -2.97
CA SER A 758 25.29 -4.86 -3.05
C SER A 758 25.63 -3.41 -3.36
N LYS A 759 26.86 -3.00 -3.05
CA LYS A 759 27.17 -1.57 -2.94
C LYS A 759 27.14 -0.76 -4.25
N ASP A 760 27.25 -1.42 -5.39
CA ASP A 760 27.32 -0.67 -6.64
C ASP A 760 26.00 -0.62 -7.39
N ASP A 761 24.93 -1.09 -6.74
CA ASP A 761 23.57 -0.91 -7.23
C ASP A 761 22.74 -0.25 -6.13
N GLU A 762 22.22 0.92 -6.47
CA GLU A 762 21.48 1.75 -5.51
C GLU A 762 20.34 1.00 -4.80
N LEU A 763 19.55 0.27 -5.58
CA LEU A 763 18.39 -0.42 -5.03
C LEU A 763 18.79 -1.70 -4.28
N LEU A 764 19.72 -2.46 -4.85
CA LEU A 764 20.26 -3.63 -4.15
C LEU A 764 20.86 -3.22 -2.79
N LEU A 765 21.60 -2.12 -2.76
CA LEU A 765 22.17 -1.67 -1.49
C LEU A 765 21.05 -1.41 -0.45
N GLN A 766 19.96 -0.83 -0.90
CA GLN A 766 18.86 -0.58 0.02
C GLN A 766 18.25 -1.89 0.54
N GLU A 767 18.21 -2.92 -0.31
CA GLU A 767 17.74 -4.23 0.15
C GLU A 767 18.73 -4.82 1.17
N TRP A 768 20.02 -4.59 0.95
CA TRP A 768 21.03 -5.00 1.90
C TRP A 768 20.80 -4.33 3.24
N LEU A 769 20.60 -3.02 3.20
CA LEU A 769 20.33 -2.25 4.41
C LEU A 769 19.14 -2.80 5.18
N LYS A 770 18.08 -3.14 4.46
CA LYS A 770 16.89 -3.74 5.07
C LYS A 770 17.23 -5.06 5.77
N THR A 771 18.07 -5.87 5.14
CA THR A 771 18.44 -7.18 5.66
C THR A 771 19.22 -7.03 6.98
N VAL A 772 20.16 -6.11 6.98
CA VAL A 772 20.95 -5.83 8.16
C VAL A 772 20.04 -5.34 9.26
N SER A 773 19.23 -4.32 8.93
CA SER A 773 18.30 -3.73 9.88
C SER A 773 17.41 -4.77 10.56
N ARG A 774 17.02 -5.79 9.81
CA ARG A 774 16.08 -6.80 10.28
C ARG A 774 16.79 -8.00 10.92
N SER A 775 18.14 -7.98 10.88
CA SER A 775 18.94 -9.07 11.45
C SER A 775 18.67 -9.31 12.93
N ASP A 776 18.53 -10.58 13.30
CA ASP A 776 18.25 -10.91 14.68
C ASP A 776 19.56 -10.98 15.45
N ARG A 777 20.10 -9.79 15.75
CA ARG A 777 21.40 -9.64 16.39
C ARG A 777 21.28 -9.02 17.77
N LYS A 778 22.03 -9.54 18.73
CA LYS A 778 22.08 -8.96 20.07
C LYS A 778 22.78 -7.60 20.04
N ASP A 779 23.70 -7.42 19.09
CA ASP A 779 24.42 -6.16 18.97
C ASP A 779 23.78 -5.25 17.90
N ILE A 780 22.47 -5.39 17.69
CA ILE A 780 21.77 -4.68 16.63
C ILE A 780 21.86 -3.15 16.75
N TYR A 781 21.92 -2.64 17.98
CA TYR A 781 22.01 -1.21 18.17
C TYR A 781 23.38 -0.70 17.71
N GLU A 782 24.42 -1.47 17.98
CA GLU A 782 25.76 -1.10 17.54
C GLU A 782 25.85 -1.22 16.01
N ILE A 783 25.23 -2.26 15.45
CA ILE A 783 25.18 -2.43 14.01
C ILE A 783 24.49 -1.23 13.34
N LEU A 784 23.37 -0.77 13.89
CA LEU A 784 22.65 0.38 13.33
C LEU A 784 23.51 1.64 13.34
N LYS A 785 24.27 1.83 14.42
CA LYS A 785 25.17 2.97 14.52
C LYS A 785 26.23 2.91 13.41
N LYS A 786 26.71 1.70 13.14
CA LYS A 786 27.68 1.45 12.06
C LYS A 786 27.08 1.80 10.69
N LEU A 787 25.84 1.36 10.46
CA LEU A 787 25.13 1.73 9.24
C LEU A 787 25.05 3.25 9.07
N GLU A 788 24.72 3.93 10.15
CA GLU A 788 24.62 5.38 10.14
C GLU A 788 25.94 6.05 9.77
N ASN A 789 27.02 5.64 10.41
CA ASN A 789 28.31 6.29 10.20
C ASN A 789 28.95 5.95 8.87
N GLU A 790 28.74 4.72 8.40
CA GLU A 790 29.48 4.19 7.26
C GLU A 790 28.70 4.17 5.95
N VAL A 791 27.38 3.99 6.02
CA VAL A 791 26.58 3.85 4.81
C VAL A 791 25.49 4.90 4.63
N LEU A 792 24.60 5.04 5.62
CA LEU A 792 23.49 5.99 5.50
C LEU A 792 23.97 7.44 5.49
N LYS A 793 24.78 7.79 6.49
CA LYS A 793 25.25 9.16 6.67
C LYS A 793 24.11 10.17 6.68
N ASP A 794 24.26 11.25 5.92
CA ASP A 794 23.25 12.32 5.91
C ASP A 794 22.32 12.24 4.70
N SER A 795 22.20 11.05 4.09
CA SER A 795 21.29 10.86 2.98
C SER A 795 19.88 11.35 3.33
N LYS A 796 19.29 12.11 2.41
CA LYS A 796 17.89 12.55 2.53
C LYS A 796 17.00 11.69 1.66
N ASN A 797 17.57 10.63 1.10
CA ASN A 797 16.80 9.72 0.26
C ASN A 797 15.85 8.86 1.11
N PRO A 798 14.54 8.98 0.86
CA PRO A 798 13.59 8.27 1.72
C PRO A 798 13.77 6.75 1.68
N ASN A 799 14.13 6.18 0.52
CA ASN A 799 14.44 4.75 0.44
C ASN A 799 15.55 4.33 1.40
N ASP A 800 16.57 5.17 1.55
CA ASP A 800 17.70 4.87 2.43
C ASP A 800 17.27 4.89 3.89
N ILE A 801 16.60 5.97 4.27
CA ILE A 801 16.18 6.17 5.67
C ILE A 801 15.23 5.06 6.12
N ARG A 802 14.25 4.74 5.28
CA ARG A 802 13.28 3.70 5.59
C ARG A 802 13.94 2.32 5.64
N ALA A 803 14.94 2.11 4.77
CA ALA A 803 15.66 0.84 4.72
C ALA A 803 16.40 0.57 6.03
N VAL A 804 17.04 1.61 6.56
CA VAL A 804 17.84 1.44 7.76
C VAL A 804 16.97 1.22 9.00
N TYR A 805 15.84 1.92 9.09
CA TYR A 805 15.14 1.99 10.36
C TYR A 805 13.86 1.15 10.49
N LEU A 806 13.05 1.05 9.44
CA LEU A 806 11.74 0.43 9.62
C LEU A 806 11.80 -1.09 9.90
N PRO A 807 12.63 -1.84 9.15
CA PRO A 807 12.67 -3.30 9.43
C PRO A 807 13.04 -3.57 10.89
N PHE A 808 14.00 -2.79 11.39
CA PHE A 808 14.41 -2.89 12.78
C PHE A 808 13.23 -2.75 13.76
N THR A 809 12.21 -1.96 13.40
CA THR A 809 11.11 -1.72 14.34
C THR A 809 10.23 -2.96 14.48
N ASN A 810 10.42 -3.94 13.60
CA ASN A 810 9.71 -5.22 13.72
C ASN A 810 10.47 -6.23 14.59
N ASN A 811 11.64 -5.84 15.08
CA ASN A 811 12.38 -6.69 16.01
C ASN A 811 11.70 -6.67 17.40
N LEU A 812 10.95 -7.71 17.70
CA LEU A 812 10.05 -7.69 18.85
C LEU A 812 10.81 -7.55 20.17
N ARG A 813 11.86 -8.35 20.35
CA ARG A 813 12.69 -8.21 21.54
C ARG A 813 13.47 -6.92 21.64
N ARG A 814 14.00 -6.43 20.53
CA ARG A 814 15.01 -5.38 20.61
C ARG A 814 14.47 -3.96 20.40
N PHE A 815 13.55 -3.76 19.46
CA PHE A 815 12.98 -2.42 19.27
C PHE A 815 12.23 -2.01 20.53
N HIS A 816 11.55 -2.99 21.15
CA HIS A 816 10.76 -2.77 22.37
C HIS A 816 11.55 -3.01 23.65
N ASP A 817 12.86 -2.86 23.57
CA ASP A 817 13.71 -2.96 24.76
C ASP A 817 13.13 -2.07 25.85
N ILE A 818 13.06 -2.61 27.06
CA ILE A 818 12.30 -2.00 28.15
C ILE A 818 12.89 -0.68 28.62
N SER A 819 14.13 -0.41 28.24
CA SER A 819 14.74 0.88 28.50
C SER A 819 14.08 1.99 27.69
N GLY A 820 13.41 1.62 26.60
CA GLY A 820 12.86 2.61 25.69
C GLY A 820 13.86 3.14 24.67
N LYS A 821 15.06 2.55 24.62
CA LYS A 821 16.12 3.06 23.75
C LYS A 821 15.73 2.97 22.28
N GLY A 822 14.94 1.97 21.93
CA GLY A 822 14.44 1.82 20.57
C GLY A 822 13.46 2.92 20.22
N TYR A 823 12.51 3.19 21.12
CA TYR A 823 11.57 4.29 20.90
C TYR A 823 12.30 5.62 20.77
N LYS A 824 13.29 5.83 21.62
CA LYS A 824 14.10 7.06 21.59
C LYS A 824 14.81 7.23 20.25
N LEU A 825 15.33 6.13 19.73
CA LEU A 825 16.09 6.16 18.47
C LEU A 825 15.20 6.57 17.29
N ILE A 826 14.06 5.89 17.15
CA ILE A 826 13.15 6.18 16.06
C ILE A 826 12.60 7.61 16.16
N ALA A 827 12.28 8.06 17.37
CA ALA A 827 11.83 9.44 17.55
C ALA A 827 12.88 10.45 17.11
N GLU A 828 14.14 10.20 17.44
CA GLU A 828 15.23 11.06 16.98
C GLU A 828 15.24 11.12 15.45
N VAL A 829 15.04 9.96 14.83
CA VAL A 829 15.05 9.89 13.38
C VAL A 829 13.84 10.62 12.77
N ILE A 830 12.67 10.47 13.40
CA ILE A 830 11.46 11.15 12.95
C ILE A 830 11.66 12.67 12.99
N THR A 831 12.13 13.17 14.13
CA THR A 831 12.32 14.59 14.32
C THR A 831 13.38 15.14 13.36
N LYS A 832 14.45 14.40 13.17
CA LYS A 832 15.49 14.75 12.21
C LYS A 832 14.91 14.83 10.78
N THR A 833 14.15 13.81 10.39
CA THR A 833 13.58 13.70 9.05
C THR A 833 12.53 14.78 8.81
N ASP A 834 11.80 15.14 9.86
CA ASP A 834 10.73 16.14 9.74
C ASP A 834 11.24 17.53 9.33
N LYS A 835 12.52 17.83 9.54
CA LYS A 835 13.07 19.13 9.12
C LYS A 835 13.07 19.31 7.59
N PHE A 836 13.18 18.21 6.85
CA PHE A 836 13.21 18.32 5.39
C PHE A 836 12.10 17.54 4.64
N ASN A 837 11.51 16.53 5.28
CA ASN A 837 10.46 15.75 4.64
C ASN A 837 9.40 15.25 5.64
N PRO A 838 8.39 16.10 5.92
CA PRO A 838 7.30 15.77 6.87
C PRO A 838 6.51 14.51 6.49
N MET A 839 6.28 14.29 5.21
CA MET A 839 5.59 13.07 4.78
C MET A 839 6.32 11.80 5.24
N VAL A 840 7.60 11.69 4.94
CA VAL A 840 8.37 10.51 5.34
C VAL A 840 8.54 10.46 6.89
N ALA A 841 8.62 11.62 7.54
CA ALA A 841 8.67 11.65 9.00
C ALA A 841 7.44 10.98 9.59
N THR A 842 6.29 11.20 8.96
CA THR A 842 5.05 10.61 9.46
C THR A 842 5.00 9.11 9.17
N GLN A 843 5.52 8.70 8.02
CA GLN A 843 5.67 7.27 7.74
C GLN A 843 6.52 6.61 8.83
N LEU A 844 7.55 7.29 9.30
CA LEU A 844 8.47 6.71 10.27
C LEU A 844 7.85 6.57 11.66
N CYS A 845 6.69 7.19 11.85
CA CYS A 845 5.90 7.04 13.09
C CYS A 845 5.17 5.69 13.22
N GLU A 846 5.18 4.90 12.15
CA GLU A 846 4.31 3.71 12.12
C GLU A 846 4.44 2.78 13.33
N PRO A 847 5.68 2.57 13.82
CA PRO A 847 5.79 1.71 15.02
C PRO A 847 5.00 2.22 16.22
N PHE A 848 4.78 3.53 16.32
CA PHE A 848 4.05 4.08 17.45
C PHE A 848 2.53 3.87 17.38
N LYS A 849 2.03 3.35 16.27
CA LYS A 849 0.57 3.32 16.06
C LYS A 849 -0.14 2.40 17.04
N LEU A 850 0.59 1.42 17.56
CA LEU A 850 0.02 0.47 18.51
C LEU A 850 0.37 0.84 19.95
N TRP A 851 0.80 2.07 20.19
CA TRP A 851 1.36 2.46 21.50
C TRP A 851 0.43 2.15 22.69
N ASN A 852 -0.87 2.38 22.53
CA ASN A 852 -1.77 2.16 23.66
C ASN A 852 -2.23 0.70 23.78
N LYS A 853 -1.64 -0.19 22.97
CA LYS A 853 -1.98 -1.61 23.02
C LYS A 853 -0.94 -2.41 23.82
N LEU A 854 0.15 -1.78 24.23
CA LEU A 854 1.22 -2.52 24.89
C LEU A 854 1.06 -2.51 26.40
N ASP A 855 1.94 -3.22 27.10
CA ASP A 855 1.96 -3.20 28.57
C ASP A 855 2.17 -1.76 29.04
N THR A 856 1.78 -1.48 30.29
CA THR A 856 1.68 -0.09 30.74
C THR A 856 3.02 0.64 30.77
N LYS A 857 4.10 -0.08 31.01
CA LYS A 857 5.42 0.54 30.99
C LYS A 857 5.80 0.98 29.57
N ARG A 858 5.60 0.10 28.59
CA ARG A 858 5.95 0.45 27.22
C ARG A 858 5.02 1.53 26.68
N GLN A 859 3.74 1.50 27.07
CA GLN A 859 2.82 2.58 26.70
C GLN A 859 3.37 3.94 27.11
N GLU A 860 3.81 4.02 28.36
CA GLU A 860 4.36 5.24 28.92
C GLU A 860 5.66 5.66 28.21
N LEU A 861 6.53 4.70 27.91
CA LEU A 861 7.77 4.98 27.19
C LEU A 861 7.50 5.57 25.80
N MET A 862 6.62 4.93 25.05
CA MET A 862 6.23 5.45 23.74
C MET A 862 5.58 6.82 23.83
N LEU A 863 4.64 6.97 24.75
CA LEU A 863 3.92 8.25 24.90
C LEU A 863 4.90 9.38 25.25
N ASN A 864 5.87 9.09 26.10
CA ASN A 864 6.91 10.07 26.43
CA ASN A 864 6.90 10.08 26.43
C ASN A 864 7.62 10.57 25.17
N GLU A 865 7.99 9.65 24.29
CA GLU A 865 8.70 10.00 23.07
C GLU A 865 7.84 10.80 22.12
N MET A 866 6.57 10.42 22.01
CA MET A 866 5.67 11.15 21.14
C MET A 866 5.42 12.55 21.68
N ASN A 867 5.34 12.69 23.00
CA ASN A 867 5.17 14.02 23.59
C ASN A 867 6.44 14.86 23.42
N THR A 868 7.60 14.23 23.53
CA THR A 868 8.85 14.91 23.19
C THR A 868 8.84 15.40 21.74
N MET A 869 8.45 14.53 20.81
CA MET A 869 8.35 14.95 19.41
C MET A 869 7.37 16.10 19.23
N LEU A 870 6.22 16.03 19.91
CA LEU A 870 5.22 17.10 19.82
C LEU A 870 5.73 18.42 20.36
N GLN A 871 6.71 18.38 21.25
CA GLN A 871 7.24 19.59 21.85
C GLN A 871 8.33 20.27 21.00
N GLU A 872 8.72 19.66 19.88
CA GLU A 872 9.73 20.28 19.02
C GLU A 872 9.18 21.58 18.43
N PRO A 873 9.87 22.70 18.69
CA PRO A 873 9.37 24.01 18.22
C PRO A 873 9.18 24.04 16.71
N GLN A 874 10.01 23.29 15.97
CA GLN A 874 9.96 23.40 14.52
C GLN A 874 9.13 22.28 13.85
N ILE A 875 8.40 21.51 14.66
CA ILE A 875 7.60 20.39 14.12
C ILE A 875 6.68 20.82 12.99
N SER A 876 6.58 19.99 11.96
CA SER A 876 5.73 20.31 10.83
C SER A 876 4.25 20.19 11.21
N ASN A 877 3.38 20.87 10.46
CA ASN A 877 1.94 20.70 10.66
C ASN A 877 1.53 19.25 10.46
N ASN A 878 2.14 18.64 9.44
CA ASN A 878 1.86 17.27 9.08
C ASN A 878 2.10 16.29 10.23
N LEU A 879 3.26 16.40 10.86
CA LEU A 879 3.62 15.47 11.91
C LEU A 879 2.85 15.82 13.19
N LYS A 880 2.74 17.11 13.47
CA LYS A 880 2.00 17.56 14.65
C LYS A 880 0.56 17.03 14.62
N GLU A 881 -0.14 17.18 13.49
CA GLU A 881 -1.53 16.74 13.38
C GLU A 881 -1.65 15.23 13.60
N TYR A 882 -0.73 14.49 12.99
CA TYR A 882 -0.71 13.04 13.12
C TYR A 882 -0.51 12.56 14.55
N LEU A 883 0.47 13.12 15.25
CA LEU A 883 0.77 12.74 16.62
C LEU A 883 -0.28 13.21 17.62
N LEU A 884 -0.90 14.35 17.32
CA LEU A 884 -2.01 14.83 18.14
C LEU A 884 -3.19 13.85 18.10
N ARG A 885 -3.54 13.38 16.91
CA ARG A 885 -4.59 12.38 16.77
C ARG A 885 -4.17 11.06 17.39
N LEU A 886 -2.92 10.65 17.15
CA LEU A 886 -2.48 9.35 17.64
C LEU A 886 -2.43 9.29 19.17
N THR A 887 -2.07 10.40 19.82
CA THR A 887 -1.97 10.44 21.28
C THR A 887 -3.26 10.90 21.95
N ASN A 888 -4.35 10.99 21.17
CA ASN A 888 -5.63 11.39 21.74
C ASN A 888 -5.56 12.68 22.55
N LYS A 889 -4.77 13.64 22.07
CA LYS A 889 -4.61 14.92 22.77
C LYS A 889 -5.55 15.97 22.20
N12 4QP B . -2.34 8.43 -6.40
C13 4QP B . -0.34 8.98 -5.12
C15 4QP B . -0.50 10.23 -3.06
C17 4QP B . 1.57 10.20 -4.30
C02 4QP B . 0.82 1.35 -5.39
C03 4QP B . 0.20 2.11 -4.23
C04 4QP B . -0.94 1.29 -3.66
C05 4QP B . -0.25 3.52 -4.59
C06 4QP B . 0.85 4.57 -4.50
C07 4QP B . 0.43 6.03 -4.57
P08 4QP B . -0.93 6.32 -5.73
O09 4QP B . -2.29 5.85 -5.06
O10 4QP B . -0.75 5.57 -6.99
C11 4QP B . -0.98 8.09 -6.17
C14 4QP B . -1.08 9.41 -4.02
C16 4QP B . 0.82 10.63 -3.20
C18 4QP B . 0.98 9.38 -5.25
C19 4QP B . 1.69 4.40 -3.26
O20 4QP B . 2.85 3.96 -3.39
O21 4QP B . 1.23 4.72 -2.13
ZN ZN C . -3.46 5.00 -6.51
C1 GOL D . 7.38 2.38 -1.87
O1 GOL D . 8.04 1.78 -2.97
C2 GOL D . 8.21 2.25 -0.60
O2 GOL D . 9.58 2.51 -0.87
C3 GOL D . 7.68 3.23 0.43
O3 GOL D . 6.31 3.01 0.68
C1 GOL E . 11.95 -16.58 -11.35
O1 GOL E . 11.20 -15.49 -11.84
C2 GOL E . 13.37 -16.54 -11.88
O2 GOL E . 14.19 -17.29 -11.01
C3 GOL E . 13.47 -17.13 -13.29
O3 GOL E . 14.80 -16.98 -13.76
H11 GOL E . 11.96 -16.56 -10.26
H12 GOL E . 11.47 -17.51 -11.66
HO1 GOL E . 10.27 -15.56 -11.55
H2 GOL E . 13.71 -15.50 -11.90
HO2 GOL E . 13.90 -18.22 -11.00
H31 GOL E . 13.19 -18.18 -13.28
H32 GOL E . 12.78 -16.60 -13.96
HO3 GOL E . 15.21 -17.86 -13.85
MG MG F . 21.83 7.60 -3.53
#